data_8DT4
#
_entry.id   8DT4
#
_cell.length_a   124.503
_cell.length_b   124.503
_cell.length_c   129.093
_cell.angle_alpha   90.00
_cell.angle_beta   90.00
_cell.angle_gamma   120.00
#
_symmetry.space_group_name_H-M   'P 31'
#
loop_
_entity.id
_entity.type
_entity.pdbx_description
1 polymer Acetylcholinesterase
2 non-polymer 'DIETHYL PHOSPHONATE'
3 non-polymer "1,1'-methylenebis{4-[(E)-(hydroxyimino)methyl]pyridin-1-ium}"
4 non-polymer GLYCEROL
5 water water
#
_entity_poly.entity_id   1
_entity_poly.type   'polypeptide(L)'
_entity_poly.pdbx_seq_one_letter_code
;GPLEGREDAELLVTVRGGRLRGIRLKTPGGPVSAFLGIPFAEPPMGPRRFLPPEPKQPWSGVVDATTFQSVCYQYVDTLY
PGFEGTEMWNPNRELSEDCLYLNVWTPYPRPTSPTPVLVWIYGGGFYSGASSLDVYDGRFLVQAERTVLVSMNYRVGAFG
FLALPGSREAPGNVGLLDQRLALQWVQENVAAFGGDPTSVTLFGESAGAASVGMHLLSPPSRGLFHRAVLQSGAPNGPWA
TVGMGEARRRATQLAHLVGCPPGGTGGNDTELVACLRTRPAQVLVNHEWHVLPQESVFRFSFVPVVDGDFLSDTPEALIN
AGDFHGLQVLVGVVKDEGSYFLVYGAPGFSKDNESLISRAEFLAGVRVGVPQVSDLAAEAVVLHYTDWLHPEDPARLREA
LSDVVGDHNVVCPVAQLAGRLAAQGARVYAYVFEHRASTLSWPLWMGVPHGYEIEFIFGIPLDPSRNYTAEEKIFAQRLM
RYWANFARTGDPNEPRDPKAPQWPPYTAGAQQYVSLDLRPLEVRRGLRAQACAFWNRFLPKLLSATDTLD
;
_entity_poly.pdbx_strand_id   A,B
#
# COMPACT_ATOMS: atom_id res chain seq x y z
N GLU A 7 -42.85 -4.36 18.37
CA GLU A 7 -42.00 -5.54 18.23
C GLU A 7 -41.33 -5.56 16.86
N ASP A 8 -41.45 -6.70 16.18
CA ASP A 8 -40.97 -6.80 14.80
C ASP A 8 -41.76 -5.92 13.85
N ALA A 9 -42.90 -5.38 14.28
CA ALA A 9 -43.62 -4.41 13.47
C ALA A 9 -42.92 -3.06 13.43
N GLU A 10 -42.07 -2.76 14.42
CA GLU A 10 -41.32 -1.51 14.42
C GLU A 10 -40.09 -1.58 13.55
N LEU A 11 -39.66 -2.77 13.16
CA LEU A 11 -38.58 -2.92 12.18
C LEU A 11 -39.09 -2.78 10.75
N LEU A 12 -40.33 -2.35 10.57
CA LEU A 12 -40.93 -2.11 9.26
C LEU A 12 -41.37 -0.66 9.20
N VAL A 13 -40.84 0.09 8.24
CA VAL A 13 -41.11 1.51 8.09
C VAL A 13 -41.31 1.82 6.62
N THR A 14 -42.27 2.69 6.31
CA THR A 14 -42.52 3.15 4.96
C THR A 14 -42.05 4.59 4.81
N VAL A 15 -41.23 4.83 3.80
CA VAL A 15 -40.80 6.19 3.47
C VAL A 15 -41.42 6.58 2.13
N ARG A 16 -41.12 7.78 1.65
CA ARG A 16 -41.75 8.27 0.43
C ARG A 16 -41.32 7.48 -0.82
N GLY A 17 -40.35 6.57 -0.69
CA GLY A 17 -39.91 5.79 -1.82
C GLY A 17 -40.41 4.37 -1.79
N GLY A 18 -40.69 3.86 -0.60
CA GLY A 18 -41.16 2.48 -0.47
C GLY A 18 -41.04 2.02 0.98
N ARG A 19 -41.02 0.71 1.14
CA ARG A 19 -40.96 0.08 2.45
C ARG A 19 -39.55 -0.45 2.73
N LEU A 20 -39.20 -0.50 4.02
CA LEU A 20 -37.90 -0.95 4.46
C LEU A 20 -38.06 -1.89 5.64
N ARG A 21 -37.19 -2.89 5.72
CA ARG A 21 -37.10 -3.75 6.89
C ARG A 21 -35.77 -3.48 7.58
N GLY A 22 -35.82 -2.97 8.80
CA GLY A 22 -34.64 -2.70 9.59
C GLY A 22 -34.19 -3.91 10.38
N ILE A 23 -33.24 -3.66 11.28
CA ILE A 23 -32.70 -4.70 12.14
C ILE A 23 -32.60 -4.13 13.55
N ARG A 24 -32.66 -5.02 14.55
CA ARG A 24 -32.59 -4.63 15.94
C ARG A 24 -31.18 -4.83 16.47
N LEU A 25 -30.57 -3.77 16.97
CA LEU A 25 -29.24 -3.80 17.55
C LEU A 25 -29.34 -3.83 19.07
N LYS A 26 -28.39 -4.53 19.69
CA LYS A 26 -28.37 -4.71 21.13
C LYS A 26 -27.29 -3.83 21.76
N THR A 27 -27.64 -3.19 22.87
CA THR A 27 -26.73 -2.48 23.75
C THR A 27 -26.91 -3.05 25.15
N PRO A 28 -25.92 -2.87 26.03
CA PRO A 28 -26.08 -3.36 27.41
C PRO A 28 -27.22 -2.68 28.17
N GLY A 29 -27.87 -1.68 27.60
CA GLY A 29 -28.95 -1.00 28.30
C GLY A 29 -30.28 -1.01 27.57
N GLY A 30 -30.40 -1.80 26.50
CA GLY A 30 -31.63 -1.89 25.78
C GLY A 30 -31.44 -1.96 24.26
N PRO A 31 -32.50 -2.29 23.54
CA PRO A 31 -32.39 -2.46 22.09
C PRO A 31 -32.57 -1.15 21.32
N VAL A 32 -32.12 -1.19 20.06
CA VAL A 32 -32.21 -0.05 19.16
C VAL A 32 -32.65 -0.58 17.80
N SER A 33 -33.46 0.21 17.10
CA SER A 33 -33.92 -0.12 15.75
C SER A 33 -33.06 0.63 14.74
N ALA A 34 -32.36 -0.12 13.89
CA ALA A 34 -31.44 0.44 12.91
C ALA A 34 -31.92 0.11 11.50
N PHE A 35 -31.82 1.09 10.60
CA PHE A 35 -32.21 0.96 9.21
C PHE A 35 -30.99 1.30 8.36
N LEU A 36 -30.13 0.31 8.15
CA LEU A 36 -28.85 0.51 7.50
C LEU A 36 -28.95 0.20 6.02
N GLY A 37 -28.54 1.14 5.18
CA GLY A 37 -28.48 0.93 3.75
C GLY A 37 -29.64 1.49 2.96
N ILE A 38 -30.27 2.57 3.42
CA ILE A 38 -31.40 3.17 2.71
C ILE A 38 -30.88 3.95 1.51
N PRO A 39 -31.29 3.59 0.29
CA PRO A 39 -30.86 4.37 -0.88
C PRO A 39 -31.55 5.73 -0.90
N PHE A 40 -30.76 6.78 -1.03
CA PHE A 40 -31.29 8.14 -1.13
C PHE A 40 -31.00 8.79 -2.47
N ALA A 41 -30.32 8.09 -3.37
CA ALA A 41 -30.03 8.65 -4.68
C ALA A 41 -29.83 7.51 -5.68
N GLU A 42 -30.06 7.83 -6.94
CA GLU A 42 -29.76 6.87 -8.00
C GLU A 42 -28.25 6.64 -8.06
N PRO A 43 -27.82 5.40 -8.27
CA PRO A 43 -26.38 5.10 -8.30
C PRO A 43 -25.67 5.94 -9.34
N PRO A 44 -24.67 6.73 -8.93
CA PRO A 44 -23.95 7.61 -9.87
C PRO A 44 -22.90 6.86 -10.68
N MET A 45 -23.37 5.95 -11.53
CA MET A 45 -22.50 5.13 -12.37
C MET A 45 -22.71 5.50 -13.84
N GLY A 46 -21.79 5.02 -14.67
CA GLY A 46 -21.86 5.24 -16.10
C GLY A 46 -21.80 6.71 -16.47
N PRO A 47 -22.80 7.18 -17.22
CA PRO A 47 -22.83 8.60 -17.60
C PRO A 47 -23.13 9.54 -16.44
N ARG A 48 -23.49 9.03 -15.27
CA ARG A 48 -23.77 9.85 -14.11
C ARG A 48 -22.56 10.01 -13.20
N ARG A 49 -21.41 9.48 -13.59
CA ARG A 49 -20.19 9.71 -12.84
C ARG A 49 -19.76 11.17 -12.96
N PHE A 50 -19.31 11.75 -11.85
CA PHE A 50 -18.92 13.15 -11.70
C PHE A 50 -20.10 14.11 -11.75
N LEU A 51 -21.33 13.61 -11.80
CA LEU A 51 -22.51 14.46 -11.91
C LEU A 51 -23.20 14.62 -10.58
N PRO A 52 -23.98 15.69 -10.41
CA PRO A 52 -24.75 15.85 -9.18
C PRO A 52 -25.72 14.70 -9.02
N PRO A 53 -26.05 14.33 -7.78
CA PRO A 53 -26.91 13.16 -7.56
C PRO A 53 -28.36 13.45 -7.93
N GLU A 54 -29.02 12.44 -8.49
CA GLU A 54 -30.45 12.45 -8.71
C GLU A 54 -31.17 11.66 -7.62
N PRO A 55 -32.35 12.09 -7.20
CA PRO A 55 -33.03 11.39 -6.10
C PRO A 55 -33.42 9.97 -6.49
N LYS A 56 -33.37 9.08 -5.49
CA LYS A 56 -33.71 7.69 -5.71
C LYS A 56 -35.17 7.56 -6.15
N GLN A 57 -35.39 6.79 -7.21
CA GLN A 57 -36.75 6.55 -7.67
C GLN A 57 -37.49 5.63 -6.70
N PRO A 58 -38.81 5.76 -6.59
CA PRO A 58 -39.56 4.87 -5.71
C PRO A 58 -39.42 3.41 -6.15
N TRP A 59 -39.40 2.52 -5.17
CA TRP A 59 -39.16 1.10 -5.41
C TRP A 59 -40.35 0.26 -5.01
N SER A 60 -40.53 -0.85 -5.70
CA SER A 60 -41.58 -1.81 -5.38
C SER A 60 -41.05 -2.83 -4.38
N GLY A 61 -41.92 -3.26 -3.47
CA GLY A 61 -41.54 -4.25 -2.49
C GLY A 61 -40.87 -3.63 -1.27
N VAL A 62 -40.11 -4.47 -0.57
CA VAL A 62 -39.47 -4.11 0.70
C VAL A 62 -37.97 -4.17 0.49
N VAL A 63 -37.32 -3.00 0.50
CA VAL A 63 -35.86 -2.95 0.45
C VAL A 63 -35.29 -3.43 1.77
N ASP A 64 -34.29 -4.31 1.70
CA ASP A 64 -33.64 -4.78 2.91
C ASP A 64 -32.74 -3.68 3.46
N ALA A 65 -32.90 -3.39 4.75
CA ALA A 65 -32.14 -2.34 5.44
C ALA A 65 -31.54 -2.89 6.73
N THR A 66 -30.90 -4.04 6.65
CA THR A 66 -30.34 -4.71 7.82
C THR A 66 -28.82 -4.71 7.86
N THR A 67 -28.14 -4.29 6.79
CA THR A 67 -26.69 -4.23 6.76
C THR A 67 -26.26 -2.96 6.06
N PHE A 68 -25.02 -2.54 6.32
CA PHE A 68 -24.45 -1.39 5.65
C PHE A 68 -24.22 -1.71 4.18
N GLN A 69 -24.43 -0.72 3.32
CA GLN A 69 -24.21 -0.88 1.90
C GLN A 69 -22.73 -0.67 1.58
N SER A 70 -22.42 -0.48 0.30
CA SER A 70 -21.03 -0.45 -0.14
C SER A 70 -20.37 0.88 0.20
N VAL A 71 -19.05 0.83 0.36
CA VAL A 71 -18.25 2.03 0.57
C VAL A 71 -17.92 2.65 -0.77
N CYS A 72 -17.96 3.98 -0.84
CA CYS A 72 -17.62 4.67 -2.08
C CYS A 72 -16.14 4.43 -2.42
N TYR A 73 -15.86 4.38 -3.72
CA TYR A 73 -14.50 4.10 -4.18
C TYR A 73 -13.52 5.10 -3.60
N GLN A 74 -12.46 4.60 -2.98
CA GLN A 74 -11.51 5.45 -2.28
C GLN A 74 -10.19 4.73 -2.13
N TYR A 75 -9.12 5.52 -1.98
CA TYR A 75 -7.81 4.98 -1.69
C TYR A 75 -7.82 4.28 -0.34
N VAL A 76 -7.14 3.15 -0.26
CA VAL A 76 -7.04 2.37 0.96
C VAL A 76 -5.65 2.59 1.57
N ASP A 77 -5.61 3.04 2.82
CA ASP A 77 -4.34 3.34 3.46
C ASP A 77 -3.55 2.05 3.70
N THR A 78 -2.26 2.08 3.34
CA THR A 78 -1.37 0.93 3.50
C THR A 78 -0.05 1.33 4.15
N LEU A 79 -0.04 2.41 4.92
CA LEU A 79 1.21 2.86 5.56
C LEU A 79 1.69 1.84 6.58
N TYR A 80 0.79 1.39 7.45
CA TYR A 80 1.11 0.38 8.45
C TYR A 80 0.13 -0.77 8.31
N PRO A 81 0.43 -1.72 7.41
CA PRO A 81 -0.48 -2.86 7.23
C PRO A 81 -0.67 -3.65 8.52
N GLY A 82 -1.91 -4.11 8.73
CA GLY A 82 -2.24 -4.86 9.92
C GLY A 82 -2.34 -4.06 11.20
N PHE A 83 -2.17 -2.75 11.13
CA PHE A 83 -2.18 -1.89 12.31
C PHE A 83 -3.61 -1.40 12.57
N GLU A 84 -4.05 -1.52 13.84
CA GLU A 84 -5.41 -1.13 14.18
C GLU A 84 -5.63 0.37 13.99
N GLY A 85 -4.62 1.18 14.34
CA GLY A 85 -4.79 2.62 14.33
C GLY A 85 -5.07 3.20 12.95
N THR A 86 -4.51 2.58 11.91
CA THR A 86 -4.76 3.06 10.55
C THR A 86 -5.91 2.33 9.88
N GLU A 87 -6.04 1.01 10.11
CA GLU A 87 -7.05 0.22 9.43
C GLU A 87 -8.45 0.37 10.01
N MET A 88 -8.59 1.02 11.17
CA MET A 88 -9.92 1.32 11.69
C MET A 88 -10.64 2.37 10.86
N TRP A 89 -9.92 3.11 10.03
CA TRP A 89 -10.51 4.08 9.12
C TRP A 89 -10.64 3.56 7.70
N ASN A 90 -10.10 2.38 7.41
CA ASN A 90 -10.18 1.79 6.08
C ASN A 90 -11.57 1.23 5.82
N PRO A 91 -11.92 1.04 4.54
CA PRO A 91 -13.26 0.52 4.23
C PRO A 91 -13.48 -0.87 4.80
N ASN A 92 -14.66 -1.06 5.39
CA ASN A 92 -15.05 -2.35 5.95
C ASN A 92 -16.18 -3.01 5.17
N ARG A 93 -16.57 -2.43 4.04
CA ARG A 93 -17.48 -3.06 3.08
C ARG A 93 -16.83 -3.00 1.70
N GLU A 94 -17.43 -3.73 0.76
CA GLU A 94 -16.91 -3.75 -0.60
C GLU A 94 -17.02 -2.37 -1.23
N LEU A 95 -16.07 -2.07 -2.12
CA LEU A 95 -16.06 -0.78 -2.81
C LEU A 95 -16.96 -0.82 -4.02
N SER A 96 -17.69 0.27 -4.25
CA SER A 96 -18.58 0.38 -5.40
C SER A 96 -18.92 1.84 -5.64
N GLU A 97 -19.13 2.18 -6.92
CA GLU A 97 -19.69 3.49 -7.22
C GLU A 97 -21.15 3.58 -6.81
N ASP A 98 -21.86 2.45 -6.79
CA ASP A 98 -23.17 2.36 -6.17
C ASP A 98 -23.02 2.44 -4.65
N CYS A 99 -22.94 3.65 -4.09
CA CYS A 99 -22.68 3.79 -2.67
C CYS A 99 -23.54 4.84 -1.98
N LEU A 100 -24.42 5.53 -2.70
CA LEU A 100 -25.21 6.62 -2.11
C LEU A 100 -26.34 6.01 -1.27
N TYR A 101 -25.98 5.65 -0.04
CA TYR A 101 -26.91 5.09 0.93
C TYR A 101 -26.68 5.77 2.27
N LEU A 102 -27.76 5.89 3.06
CA LEU A 102 -27.70 6.45 4.39
C LEU A 102 -28.26 5.45 5.40
N ASN A 103 -28.03 5.75 6.68
CA ASN A 103 -28.45 4.88 7.76
C ASN A 103 -29.16 5.69 8.83
N VAL A 104 -30.16 5.07 9.46
CA VAL A 104 -30.96 5.72 10.49
C VAL A 104 -31.01 4.80 11.71
N TRP A 105 -30.59 5.32 12.86
CA TRP A 105 -30.81 4.68 14.15
C TRP A 105 -31.95 5.38 14.87
N THR A 106 -32.75 4.60 15.60
CA THR A 106 -33.88 5.14 16.33
C THR A 106 -34.13 4.28 17.56
N PRO A 107 -34.60 4.87 18.66
CA PRO A 107 -34.71 4.11 19.91
C PRO A 107 -35.86 3.11 19.87
N TYR A 108 -35.77 2.12 20.76
CA TYR A 108 -36.87 1.21 21.02
C TYR A 108 -37.37 1.39 22.44
N PRO A 109 -38.67 1.62 22.66
CA PRO A 109 -39.69 1.74 21.60
C PRO A 109 -39.55 3.05 20.81
N ARG A 110 -40.10 3.08 19.61
CA ARG A 110 -39.95 4.23 18.73
C ARG A 110 -40.51 5.47 19.41
N PRO A 111 -39.84 6.62 19.28
CA PRO A 111 -40.39 7.86 19.84
C PRO A 111 -41.76 8.18 19.26
N THR A 112 -42.71 8.49 20.14
CA THR A 112 -44.06 8.84 19.73
C THR A 112 -44.19 10.31 19.36
N SER A 113 -43.47 11.19 20.05
CA SER A 113 -43.36 12.61 19.79
C SER A 113 -42.09 12.90 19.01
N PRO A 114 -42.08 13.96 18.20
CA PRO A 114 -40.88 14.28 17.40
C PRO A 114 -39.65 14.49 18.27
N THR A 115 -38.59 13.73 17.97
CA THR A 115 -37.33 13.65 18.68
C THR A 115 -36.21 14.30 17.86
N PRO A 116 -35.31 15.05 18.50
CA PRO A 116 -34.23 15.70 17.76
C PRO A 116 -33.37 14.69 17.01
N VAL A 117 -32.81 15.15 15.89
CA VAL A 117 -32.08 14.30 14.96
C VAL A 117 -30.64 14.79 14.87
N LEU A 118 -29.69 13.90 15.13
CA LEU A 118 -28.28 14.14 14.89
C LEU A 118 -27.91 13.52 13.54
N VAL A 119 -27.19 14.27 12.71
CA VAL A 119 -26.77 13.79 11.39
C VAL A 119 -25.25 13.80 11.36
N TRP A 120 -24.66 12.64 11.10
CA TRP A 120 -23.21 12.47 11.12
C TRP A 120 -22.65 12.54 9.71
N ILE A 121 -21.56 13.29 9.54
CA ILE A 121 -20.82 13.36 8.30
C ILE A 121 -19.39 12.93 8.60
N TYR A 122 -18.95 11.84 7.98
CA TYR A 122 -17.63 11.32 8.28
C TYR A 122 -16.54 12.17 7.64
N GLY A 123 -15.34 12.07 8.21
CA GLY A 123 -14.18 12.75 7.68
C GLY A 123 -13.32 11.83 6.83
N GLY A 124 -12.13 12.32 6.51
CA GLY A 124 -11.21 11.56 5.70
C GLY A 124 -10.62 12.35 4.54
N GLY A 125 -10.42 13.65 4.76
CA GLY A 125 -9.80 14.52 3.77
C GLY A 125 -10.47 14.55 2.42
N PHE A 126 -11.77 14.26 2.36
CA PHE A 126 -12.54 14.22 1.11
C PHE A 126 -12.00 13.18 0.13
N TYR A 127 -11.14 12.26 0.61
CA TYR A 127 -10.61 11.19 -0.23
C TYR A 127 -10.94 9.81 0.30
N SER A 128 -11.50 9.69 1.50
CA SER A 128 -11.78 8.39 2.10
C SER A 128 -12.88 8.57 3.14
N GLY A 129 -13.26 7.46 3.77
CA GLY A 129 -14.29 7.49 4.79
C GLY A 129 -15.54 6.72 4.42
N ALA A 130 -16.29 6.28 5.42
CA ALA A 130 -17.52 5.54 5.20
C ALA A 130 -18.37 5.59 6.45
N SER A 131 -19.69 5.58 6.25
CA SER A 131 -20.63 5.60 7.37
C SER A 131 -20.69 4.27 8.11
N SER A 132 -20.03 3.22 7.60
CA SER A 132 -20.13 1.88 8.16
C SER A 132 -19.02 1.53 9.14
N LEU A 133 -18.10 2.46 9.41
CA LEU A 133 -17.01 2.16 10.32
C LEU A 133 -17.53 1.90 11.72
N ASP A 134 -16.84 1.01 12.44
CA ASP A 134 -17.33 0.59 13.76
C ASP A 134 -17.36 1.76 14.74
N VAL A 135 -16.47 2.74 14.59
CA VAL A 135 -16.46 3.89 15.49
C VAL A 135 -17.59 4.86 15.24
N TYR A 136 -18.39 4.65 14.18
CA TYR A 136 -19.54 5.49 13.89
C TYR A 136 -20.84 4.80 14.25
N ASP A 137 -20.78 3.70 15.01
CA ASP A 137 -21.96 2.93 15.37
C ASP A 137 -22.85 3.76 16.29
N GLY A 138 -24.03 4.14 15.80
CA GLY A 138 -24.93 4.98 16.56
C GLY A 138 -25.84 4.28 17.53
N ARG A 139 -25.59 3.01 17.85
CA ARG A 139 -26.50 2.28 18.72
C ARG A 139 -26.37 2.73 20.17
N PHE A 140 -25.20 3.21 20.57
CA PHE A 140 -24.99 3.58 21.97
C PHE A 140 -25.48 5.00 22.24
N LEU A 141 -25.30 5.90 21.27
CA LEU A 141 -25.79 7.27 21.44
C LEU A 141 -27.31 7.32 21.42
N VAL A 142 -27.94 6.51 20.56
CA VAL A 142 -29.39 6.54 20.44
C VAL A 142 -30.05 5.89 21.66
N GLN A 143 -29.46 4.81 22.17
CA GLN A 143 -30.02 4.15 23.34
C GLN A 143 -29.92 5.03 24.58
N ALA A 144 -28.75 5.66 24.78
CA ALA A 144 -28.51 6.36 26.03
C ALA A 144 -29.16 7.74 26.06
N GLU A 145 -29.41 8.35 24.89
CA GLU A 145 -29.94 9.69 24.84
C GLU A 145 -31.25 9.81 24.08
N ARG A 146 -31.74 8.71 23.52
CA ARG A 146 -33.06 8.66 22.87
C ARG A 146 -33.21 9.74 21.80
N THR A 147 -32.17 9.92 21.00
CA THR A 147 -32.21 10.77 19.82
C THR A 147 -32.24 9.91 18.57
N VAL A 148 -32.42 10.56 17.43
CA VAL A 148 -32.40 9.90 16.13
C VAL A 148 -31.09 10.25 15.45
N LEU A 149 -30.31 9.24 15.07
CA LEU A 149 -29.01 9.43 14.45
C LEU A 149 -29.09 9.02 12.99
N VAL A 150 -28.59 9.88 12.10
CA VAL A 150 -28.56 9.63 10.67
C VAL A 150 -27.13 9.82 10.18
N SER A 151 -26.69 8.95 9.28
CA SER A 151 -25.38 9.07 8.67
C SER A 151 -25.47 8.60 7.23
N MET A 152 -24.86 9.36 6.32
CA MET A 152 -24.91 9.06 4.90
C MET A 152 -23.49 8.78 4.38
N ASN A 153 -23.45 8.16 3.21
CA ASN A 153 -22.23 8.09 2.41
C ASN A 153 -22.27 9.18 1.36
N TYR A 154 -21.11 9.77 1.09
CA TYR A 154 -20.97 10.75 0.02
C TYR A 154 -19.73 10.42 -0.78
N ARG A 155 -19.77 10.73 -2.07
CA ARG A 155 -18.66 10.42 -2.96
C ARG A 155 -17.42 11.21 -2.55
N VAL A 156 -16.30 10.50 -2.41
CA VAL A 156 -15.03 11.11 -2.05
C VAL A 156 -14.08 10.99 -3.24
N GLY A 157 -12.94 11.66 -3.11
CA GLY A 157 -11.92 11.60 -4.14
C GLY A 157 -12.37 12.24 -5.43
N ALA A 158 -11.84 11.71 -6.55
CA ALA A 158 -12.19 12.25 -7.85
C ALA A 158 -13.69 12.08 -8.15
N PHE A 159 -14.28 10.97 -7.69
CA PHE A 159 -15.69 10.72 -7.97
C PHE A 159 -16.59 11.74 -7.29
N GLY A 160 -16.11 12.39 -6.23
CA GLY A 160 -16.93 13.36 -5.52
C GLY A 160 -16.50 14.79 -5.73
N PHE A 161 -15.24 15.01 -6.12
CA PHE A 161 -14.73 16.38 -6.15
C PHE A 161 -13.80 16.69 -7.31
N LEU A 162 -13.69 15.81 -8.31
CA LEU A 162 -13.04 16.21 -9.55
C LEU A 162 -13.88 17.28 -10.23
N ALA A 163 -13.22 18.36 -10.65
CA ALA A 163 -13.94 19.52 -11.15
C ALA A 163 -13.23 20.10 -12.36
N LEU A 164 -13.94 20.20 -13.47
CA LEU A 164 -13.55 21.08 -14.55
C LEU A 164 -14.48 22.29 -14.49
N PRO A 165 -14.08 23.33 -13.77
CA PRO A 165 -15.03 24.42 -13.45
C PRO A 165 -15.62 25.06 -14.69
N GLY A 166 -16.91 25.37 -14.61
CA GLY A 166 -17.62 25.96 -15.73
C GLY A 166 -18.43 24.94 -16.51
N SER A 167 -17.81 23.82 -16.85
CA SER A 167 -18.50 22.78 -17.60
C SER A 167 -19.61 22.15 -16.77
N ARG A 168 -20.54 21.49 -17.47
CA ARG A 168 -21.60 20.75 -16.81
C ARG A 168 -21.36 19.25 -16.77
N GLU A 169 -20.31 18.76 -17.44
CA GLU A 169 -19.97 17.35 -17.35
C GLU A 169 -19.26 17.03 -16.03
N ALA A 170 -18.51 17.99 -15.48
CA ALA A 170 -17.83 17.83 -14.20
C ALA A 170 -17.89 19.14 -13.44
N PRO A 171 -19.04 19.44 -12.82
CA PRO A 171 -19.18 20.73 -12.13
C PRO A 171 -18.39 20.82 -10.83
N GLY A 172 -18.13 19.70 -10.18
CA GLY A 172 -17.44 19.70 -8.90
C GLY A 172 -18.40 19.80 -7.73
N ASN A 173 -17.87 19.49 -6.54
CA ASN A 173 -18.61 19.55 -5.28
C ASN A 173 -19.80 18.60 -5.25
N VAL A 174 -19.83 17.60 -6.16
CA VAL A 174 -20.97 16.68 -6.17
C VAL A 174 -20.99 15.84 -4.90
N GLY A 175 -19.84 15.67 -4.25
CA GLY A 175 -19.82 15.01 -2.96
C GLY A 175 -20.48 15.83 -1.87
N LEU A 176 -20.41 17.15 -1.98
CA LEU A 176 -21.17 18.01 -1.07
C LEU A 176 -22.65 17.97 -1.39
N LEU A 177 -22.99 17.84 -2.67
CA LEU A 177 -24.39 17.71 -3.06
C LEU A 177 -24.96 16.38 -2.63
N ASP A 178 -24.13 15.34 -2.55
CA ASP A 178 -24.57 14.07 -1.98
C ASP A 178 -25.06 14.25 -0.55
N GLN A 179 -24.28 14.97 0.26
CA GLN A 179 -24.67 15.20 1.65
C GLN A 179 -25.94 16.04 1.73
N ARG A 180 -26.07 17.03 0.85
CA ARG A 180 -27.26 17.89 0.86
C ARG A 180 -28.51 17.08 0.53
N LEU A 181 -28.42 16.21 -0.48
CA LEU A 181 -29.55 15.37 -0.84
C LEU A 181 -29.96 14.47 0.34
N ALA A 182 -28.97 13.98 1.09
CA ALA A 182 -29.28 13.22 2.29
C ALA A 182 -29.94 14.08 3.36
N LEU A 183 -29.63 15.38 3.37
CA LEU A 183 -30.29 16.27 4.32
C LEU A 183 -31.72 16.57 3.90
N GLN A 184 -31.95 16.73 2.59
CA GLN A 184 -33.32 16.85 2.09
C GLN A 184 -34.10 15.57 2.35
N TRP A 185 -33.42 14.41 2.28
CA TRP A 185 -34.07 13.15 2.61
C TRP A 185 -34.49 13.13 4.07
N VAL A 186 -33.65 13.64 4.97
CA VAL A 186 -34.00 13.69 6.38
C VAL A 186 -35.20 14.60 6.61
N GLN A 187 -35.30 15.68 5.84
CA GLN A 187 -36.44 16.58 5.97
C GLN A 187 -37.75 15.89 5.58
N GLU A 188 -37.71 15.02 4.57
CA GLU A 188 -38.91 14.42 4.04
C GLU A 188 -39.27 13.10 4.71
N ASN A 189 -38.34 12.42 5.38
CA ASN A 189 -38.56 11.05 5.82
C ASN A 189 -38.21 10.77 7.27
N VAL A 190 -37.45 11.64 7.95
CA VAL A 190 -37.05 11.31 9.32
C VAL A 190 -38.25 11.32 10.27
N ALA A 191 -39.35 11.96 9.88
CA ALA A 191 -40.55 11.91 10.72
C ALA A 191 -41.11 10.50 10.81
N ALA A 192 -40.92 9.69 9.76
CA ALA A 192 -41.40 8.32 9.78
C ALA A 192 -40.65 7.46 10.79
N PHE A 193 -39.48 7.89 11.25
CA PHE A 193 -38.69 7.16 12.22
C PHE A 193 -38.82 7.71 13.63
N GLY A 194 -39.72 8.68 13.83
CA GLY A 194 -39.86 9.34 15.11
C GLY A 194 -39.00 10.55 15.31
N GLY A 195 -38.44 11.12 14.24
CA GLY A 195 -37.52 12.24 14.35
C GLY A 195 -38.19 13.56 14.02
N ASP A 196 -37.64 14.63 14.60
CA ASP A 196 -38.16 15.98 14.40
C ASP A 196 -37.39 16.65 13.28
N PRO A 197 -37.99 16.87 12.10
CA PRO A 197 -37.28 17.60 11.05
C PRO A 197 -37.08 19.08 11.33
N THR A 198 -37.57 19.58 12.47
CA THR A 198 -37.33 20.96 12.89
C THR A 198 -36.27 21.07 13.97
N SER A 199 -35.61 19.96 14.32
CA SER A 199 -34.54 19.96 15.32
C SER A 199 -33.42 19.03 14.81
N VAL A 200 -32.79 19.46 13.72
CA VAL A 200 -31.76 18.68 13.04
C VAL A 200 -30.41 19.31 13.36
N THR A 201 -29.49 18.52 13.90
CA THR A 201 -28.17 18.98 14.31
C THR A 201 -27.10 18.21 13.54
N LEU A 202 -26.41 18.89 12.64
CA LEU A 202 -25.28 18.30 11.94
C LEU A 202 -24.07 18.23 12.86
N PHE A 203 -23.35 17.11 12.81
CA PHE A 203 -22.05 17.02 13.46
C PHE A 203 -21.13 16.16 12.62
N GLY A 204 -19.95 16.71 12.31
CA GLY A 204 -18.95 16.01 11.54
C GLY A 204 -17.58 16.14 12.18
N GLU A 205 -16.60 15.51 11.55
CA GLU A 205 -15.25 15.49 12.07
C GLU A 205 -14.28 15.56 10.90
N SER A 206 -13.19 16.31 11.11
CA SER A 206 -12.17 16.53 10.09
C SER A 206 -12.80 17.12 8.83
N ALA A 207 -12.71 16.40 7.72
CA ALA A 207 -13.40 16.82 6.49
C ALA A 207 -14.92 16.83 6.68
N GLY A 208 -15.44 16.03 7.61
CA GLY A 208 -16.85 16.13 7.93
C GLY A 208 -17.19 17.44 8.61
N ALA A 209 -16.34 17.90 9.53
CA ALA A 209 -16.52 19.21 10.13
C ALA A 209 -16.38 20.31 9.08
N ALA A 210 -15.42 20.15 8.17
CA ALA A 210 -15.29 21.11 7.07
C ALA A 210 -16.53 21.11 6.19
N SER A 211 -17.14 19.93 5.99
CA SER A 211 -18.37 19.85 5.22
C SER A 211 -19.53 20.55 5.94
N VAL A 212 -19.64 20.32 7.26
CA VAL A 212 -20.68 20.98 8.05
C VAL A 212 -20.56 22.49 7.92
N GLY A 213 -19.34 23.02 7.98
CA GLY A 213 -19.14 24.45 7.84
C GLY A 213 -19.51 24.97 6.46
N MET A 214 -19.27 24.18 5.42
CA MET A 214 -19.63 24.60 4.07
C MET A 214 -21.13 24.58 3.84
N HIS A 215 -21.87 23.77 4.60
CA HIS A 215 -23.32 23.82 4.54
C HIS A 215 -23.88 25.04 5.27
N LEU A 216 -23.15 25.55 6.26
CA LEU A 216 -23.52 26.81 6.88
C LEU A 216 -23.35 27.98 5.92
N LEU A 217 -22.38 27.89 5.02
CA LEU A 217 -22.07 28.96 4.09
C LEU A 217 -22.75 28.79 2.74
N SER A 218 -23.60 27.78 2.59
CA SER A 218 -24.37 27.58 1.35
C SER A 218 -25.84 27.76 1.65
N PRO A 219 -26.49 28.78 1.08
CA PRO A 219 -27.90 29.07 1.41
C PRO A 219 -28.82 27.90 1.16
N PRO A 220 -28.69 27.16 0.05
CA PRO A 220 -29.58 26.00 -0.14
C PRO A 220 -29.46 24.95 0.95
N SER A 221 -28.26 24.75 1.50
CA SER A 221 -28.07 23.76 2.56
C SER A 221 -28.44 24.31 3.93
N ARG A 222 -28.44 25.64 4.11
CA ARG A 222 -28.69 26.22 5.41
C ARG A 222 -30.08 25.92 5.93
N GLY A 223 -31.06 25.80 5.04
CA GLY A 223 -32.43 25.57 5.46
C GLY A 223 -32.77 24.15 5.83
N LEU A 224 -31.81 23.24 5.79
CA LEU A 224 -32.05 21.82 6.06
C LEU A 224 -31.59 21.40 7.45
N PHE A 225 -31.01 22.31 8.23
CA PHE A 225 -30.55 21.98 9.57
C PHE A 225 -30.58 23.25 10.42
N HIS A 226 -30.42 23.06 11.73
CA HIS A 226 -30.59 24.16 12.67
C HIS A 226 -29.43 24.35 13.64
N ARG A 227 -28.59 23.35 13.85
CA ARG A 227 -27.40 23.46 14.67
C ARG A 227 -26.23 22.83 13.94
N ALA A 228 -25.02 23.06 14.46
CA ALA A 228 -23.82 22.54 13.83
C ALA A 228 -22.80 22.19 14.90
N VAL A 229 -22.08 21.10 14.69
CA VAL A 229 -20.96 20.70 15.54
C VAL A 229 -19.78 20.39 14.63
N LEU A 230 -18.68 21.10 14.84
CA LEU A 230 -17.47 20.94 14.03
C LEU A 230 -16.35 20.43 14.91
N GLN A 231 -15.95 19.18 14.71
CA GLN A 231 -14.92 18.52 15.51
C GLN A 231 -13.66 18.41 14.67
N SER A 232 -12.61 19.15 15.09
CA SER A 232 -11.28 19.04 14.49
C SER A 232 -11.31 19.32 12.99
N GLY A 233 -12.03 20.36 12.59
CA GLY A 233 -12.12 20.71 11.18
C GLY A 233 -12.96 21.96 11.00
N ALA A 234 -12.73 22.61 9.87
CA ALA A 234 -13.40 23.86 9.55
C ALA A 234 -13.28 24.09 8.04
N PRO A 235 -14.26 24.77 7.43
CA PRO A 235 -14.20 24.97 5.98
C PRO A 235 -13.09 25.92 5.54
N ASN A 236 -12.59 26.78 6.42
CA ASN A 236 -11.59 27.77 6.07
C ASN A 236 -10.16 27.25 6.20
N GLY A 237 -9.98 25.95 6.44
CA GLY A 237 -8.66 25.38 6.54
C GLY A 237 -7.90 25.46 5.23
N PRO A 238 -6.56 25.44 5.30
CA PRO A 238 -5.76 25.53 4.07
C PRO A 238 -5.86 24.30 3.18
N TRP A 239 -6.55 23.25 3.63
CA TRP A 239 -6.63 22.00 2.88
C TRP A 239 -8.03 21.69 2.38
N ALA A 240 -9.05 22.42 2.83
CA ALA A 240 -10.44 22.05 2.58
C ALA A 240 -11.00 22.62 1.28
N THR A 241 -10.30 23.55 0.64
CA THR A 241 -10.78 24.15 -0.60
C THR A 241 -9.65 24.23 -1.61
N VAL A 242 -10.01 24.55 -2.86
CA VAL A 242 -9.06 24.67 -3.94
C VAL A 242 -9.60 25.67 -4.95
N GLY A 243 -8.69 26.33 -5.67
CA GLY A 243 -9.10 27.28 -6.69
C GLY A 243 -9.53 26.59 -7.97
N MET A 244 -10.24 27.35 -8.81
CA MET A 244 -10.73 26.81 -10.07
C MET A 244 -9.58 26.44 -11.00
N GLY A 245 -8.53 27.27 -11.04
CA GLY A 245 -7.40 26.97 -11.91
C GLY A 245 -6.65 25.73 -11.47
N GLU A 246 -6.48 25.54 -10.16
CA GLU A 246 -5.78 24.35 -9.69
C GLU A 246 -6.65 23.11 -9.85
N ALA A 247 -7.96 23.24 -9.61
CA ALA A 247 -8.86 22.10 -9.79
C ALA A 247 -8.85 21.63 -11.24
N ARG A 248 -8.78 22.56 -12.19
CA ARG A 248 -8.67 22.19 -13.60
C ARG A 248 -7.33 21.55 -13.90
N ARG A 249 -6.25 22.11 -13.33
CA ARG A 249 -4.94 21.51 -13.52
C ARG A 249 -4.87 20.12 -12.91
N ARG A 250 -5.53 19.92 -11.76
CA ARG A 250 -5.51 18.62 -11.10
C ARG A 250 -6.35 17.60 -11.87
N ALA A 251 -7.51 18.01 -12.37
CA ALA A 251 -8.37 17.10 -13.11
C ALA A 251 -7.73 16.72 -14.45
N THR A 252 -7.11 17.68 -15.13
CA THR A 252 -6.45 17.37 -16.39
C THR A 252 -5.26 16.43 -16.18
N GLN A 253 -4.52 16.62 -15.08
CA GLN A 253 -3.39 15.74 -14.79
C GLN A 253 -3.86 14.30 -14.57
N LEU A 254 -4.96 14.12 -13.85
CA LEU A 254 -5.48 12.77 -13.64
C LEU A 254 -5.90 12.12 -14.96
N ALA A 255 -6.49 12.92 -15.86
CA ALA A 255 -6.86 12.38 -17.17
C ALA A 255 -5.62 11.93 -17.94
N HIS A 256 -4.53 12.70 -17.87
CA HIS A 256 -3.30 12.32 -18.55
C HIS A 256 -2.73 11.02 -17.99
N LEU A 257 -2.80 10.84 -16.67
CA LEU A 257 -2.21 9.66 -16.05
C LEU A 257 -2.94 8.39 -16.44
N VAL A 258 -4.23 8.48 -16.80
CA VAL A 258 -5.01 7.33 -17.20
C VAL A 258 -5.16 7.24 -18.71
N GLY A 259 -4.45 8.08 -19.47
CA GLY A 259 -4.48 8.01 -20.91
C GLY A 259 -5.54 8.84 -21.59
N CYS A 260 -5.97 9.95 -20.98
CA CYS A 260 -7.00 10.79 -21.56
C CYS A 260 -6.44 12.19 -21.82
N PRO A 261 -6.65 12.75 -23.01
CA PRO A 261 -7.33 12.09 -24.14
C PRO A 261 -6.38 11.16 -24.90
N PRO A 262 -6.92 10.26 -25.71
CA PRO A 262 -6.05 9.33 -26.47
C PRO A 262 -5.11 10.09 -27.39
N GLY A 263 -3.95 9.47 -27.63
CA GLY A 263 -2.93 10.04 -28.49
C GLY A 263 -3.42 10.33 -29.90
N GLY A 264 -3.25 11.57 -30.36
CA GLY A 264 -3.84 12.02 -31.59
C GLY A 264 -5.20 12.69 -31.46
N THR A 265 -5.56 13.14 -30.26
CA THR A 265 -6.87 13.72 -29.99
C THR A 265 -6.69 14.89 -29.02
N GLY A 266 -7.54 15.91 -29.17
CA GLY A 266 -7.58 17.03 -28.25
C GLY A 266 -8.78 16.92 -27.33
N GLY A 267 -8.64 17.44 -26.12
CA GLY A 267 -9.71 17.33 -25.15
C GLY A 267 -10.25 18.66 -24.66
N ASN A 268 -11.45 19.01 -25.12
CA ASN A 268 -12.24 20.04 -24.45
C ASN A 268 -12.75 19.43 -23.13
N ASP A 269 -13.57 20.18 -22.41
CA ASP A 269 -14.11 19.65 -21.16
C ASP A 269 -15.02 18.45 -21.39
N THR A 270 -15.63 18.35 -22.58
CA THR A 270 -16.55 17.25 -22.84
C THR A 270 -15.82 15.96 -23.19
N GLU A 271 -14.94 16.01 -24.19
CA GLU A 271 -14.21 14.81 -24.59
C GLU A 271 -13.29 14.30 -23.49
N LEU A 272 -12.89 15.16 -22.56
CA LEU A 272 -12.03 14.72 -21.46
C LEU A 272 -12.83 13.95 -20.42
N VAL A 273 -13.98 14.48 -20.01
CA VAL A 273 -14.82 13.79 -19.04
C VAL A 273 -15.40 12.52 -19.64
N ALA A 274 -15.74 12.54 -20.93
CA ALA A 274 -16.21 11.34 -21.60
C ALA A 274 -15.13 10.25 -21.57
N CYS A 275 -13.87 10.64 -21.71
CA CYS A 275 -12.78 9.67 -21.62
C CYS A 275 -12.60 9.19 -20.19
N LEU A 276 -12.77 10.08 -19.21
CA LEU A 276 -12.66 9.68 -17.81
C LEU A 276 -13.78 8.74 -17.40
N ARG A 277 -14.96 8.87 -18.01
CA ARG A 277 -16.09 8.03 -17.62
C ARG A 277 -15.96 6.61 -18.11
N THR A 278 -15.08 6.34 -19.07
CA THR A 278 -14.87 4.99 -19.58
C THR A 278 -13.86 4.19 -18.77
N ARG A 279 -13.14 4.82 -17.85
CA ARG A 279 -12.10 4.15 -17.09
C ARG A 279 -12.70 3.42 -15.89
N PRO A 280 -12.17 2.25 -15.54
CA PRO A 280 -12.58 1.60 -14.30
C PRO A 280 -12.30 2.49 -13.10
N ALA A 281 -13.15 2.35 -12.08
CA ALA A 281 -13.05 3.24 -10.92
C ALA A 281 -11.71 3.06 -10.20
N GLN A 282 -11.21 1.84 -10.11
CA GLN A 282 -9.95 1.60 -9.43
C GLN A 282 -8.77 2.25 -10.16
N VAL A 283 -8.87 2.38 -11.48
CA VAL A 283 -7.80 3.02 -12.24
C VAL A 283 -7.67 4.49 -11.84
N LEU A 284 -8.79 5.17 -11.67
CA LEU A 284 -8.75 6.56 -11.25
C LEU A 284 -8.19 6.69 -9.82
N VAL A 285 -8.55 5.74 -8.95
CA VAL A 285 -8.08 5.79 -7.57
C VAL A 285 -6.58 5.55 -7.51
N ASN A 286 -6.06 4.67 -8.36
CA ASN A 286 -4.65 4.31 -8.33
C ASN A 286 -3.73 5.47 -8.72
N HIS A 287 -4.26 6.55 -9.27
CA HIS A 287 -3.45 7.70 -9.66
C HIS A 287 -3.90 8.98 -8.97
N GLU A 288 -4.56 8.86 -7.83
CA GLU A 288 -5.10 10.05 -7.16
C GLU A 288 -3.98 10.90 -6.56
N TRP A 289 -2.93 10.26 -6.05
CA TRP A 289 -1.89 10.96 -5.31
C TRP A 289 -0.75 11.46 -6.20
N HIS A 290 -0.75 11.12 -7.49
CA HIS A 290 0.20 11.69 -8.43
C HIS A 290 -0.24 13.06 -8.95
N VAL A 291 -1.46 13.47 -8.63
CA VAL A 291 -1.99 14.72 -9.15
C VAL A 291 -1.25 15.92 -8.56
N LEU A 292 -0.68 15.75 -7.37
CA LEU A 292 0.03 16.80 -6.65
C LEU A 292 1.46 16.36 -6.38
N PRO A 293 2.38 17.29 -6.10
CA PRO A 293 3.81 16.94 -6.10
C PRO A 293 4.22 15.93 -5.03
N GLN A 294 3.83 16.16 -3.76
CA GLN A 294 4.11 15.24 -2.66
C GLN A 294 5.59 15.16 -2.32
N GLU A 295 6.10 16.05 -1.44
CA GLU A 295 5.54 17.35 -1.01
C GLU A 295 4.13 17.44 -0.40
N SER A 296 3.65 16.39 0.24
CA SER A 296 2.25 16.43 0.69
C SER A 296 2.05 15.47 1.86
N VAL A 297 1.99 16.05 3.06
CA VAL A 297 1.03 15.64 4.06
C VAL A 297 0.06 16.80 4.19
N PHE A 298 -1.17 16.54 4.50
CA PHE A 298 -2.10 17.64 4.64
C PHE A 298 -2.49 18.37 3.41
N ARG A 299 -2.34 17.73 2.30
CA ARG A 299 -2.83 18.33 1.05
C ARG A 299 -3.40 17.22 0.19
N PHE A 300 -4.68 17.34 -0.16
CA PHE A 300 -5.41 16.28 -0.84
C PHE A 300 -5.80 16.73 -2.25
N SER A 301 -5.88 15.75 -3.15
CA SER A 301 -5.97 16.07 -4.58
C SER A 301 -7.31 16.69 -4.93
N PHE A 302 -8.40 16.10 -4.49
CA PHE A 302 -9.74 16.53 -4.90
C PHE A 302 -10.55 16.91 -3.67
N VAL A 303 -10.75 18.21 -3.48
CA VAL A 303 -11.45 18.78 -2.34
C VAL A 303 -12.52 19.72 -2.89
N PRO A 304 -13.43 20.25 -2.06
CA PRO A 304 -14.39 21.23 -2.56
C PRO A 304 -13.71 22.41 -3.26
N VAL A 305 -14.25 22.80 -4.39
CA VAL A 305 -13.71 23.91 -5.18
C VAL A 305 -14.56 25.14 -4.93
N VAL A 306 -13.93 26.31 -5.06
CA VAL A 306 -14.63 27.60 -4.92
C VAL A 306 -15.03 28.00 -6.34
N ASP A 307 -16.25 27.63 -6.72
CA ASP A 307 -16.70 27.82 -8.10
C ASP A 307 -17.65 28.99 -8.27
N GLY A 308 -18.19 29.56 -7.19
CA GLY A 308 -19.26 30.52 -7.28
C GLY A 308 -20.65 29.92 -7.23
N ASP A 309 -20.76 28.59 -7.36
CA ASP A 309 -22.05 27.90 -7.32
C ASP A 309 -22.39 27.50 -5.89
N PHE A 310 -21.83 26.39 -5.42
CA PHE A 310 -22.06 25.94 -4.05
C PHE A 310 -21.52 26.96 -3.05
N LEU A 311 -20.37 27.55 -3.37
CA LEU A 311 -19.76 28.59 -2.54
C LEU A 311 -19.59 29.84 -3.40
N SER A 312 -20.42 30.84 -3.13
CA SER A 312 -20.38 32.08 -3.92
C SER A 312 -19.03 32.78 -3.81
N ASP A 313 -18.34 32.61 -2.68
CA ASP A 313 -17.00 33.14 -2.48
C ASP A 313 -16.20 32.11 -1.70
N THR A 314 -14.97 32.49 -1.33
CA THR A 314 -14.16 31.61 -0.51
C THR A 314 -14.82 31.45 0.86
N PRO A 315 -14.56 30.34 1.56
CA PRO A 315 -15.09 30.21 2.93
C PRO A 315 -14.66 31.35 3.83
N GLU A 316 -13.42 31.85 3.66
CA GLU A 316 -12.94 32.95 4.49
C GLU A 316 -13.77 34.21 4.27
N ALA A 317 -14.16 34.47 3.02
CA ALA A 317 -14.95 35.66 2.73
C ALA A 317 -16.36 35.55 3.28
N LEU A 318 -16.98 34.38 3.15
CA LEU A 318 -18.37 34.20 3.58
C LEU A 318 -18.49 34.16 5.10
N ILE A 319 -17.46 33.69 5.79
CA ILE A 319 -17.49 33.68 7.25
C ILE A 319 -17.40 35.10 7.80
N ASN A 320 -16.62 35.96 7.14
CA ASN A 320 -16.46 37.33 7.61
C ASN A 320 -17.71 38.16 7.39
N ALA A 321 -18.36 38.01 6.23
CA ALA A 321 -19.55 38.79 5.90
C ALA A 321 -20.84 38.11 6.31
N GLY A 322 -20.77 37.06 7.13
CA GLY A 322 -21.94 36.24 7.43
C GLY A 322 -22.72 36.74 8.62
N ASP A 323 -24.05 36.59 8.54
CA ASP A 323 -24.96 36.86 9.65
C ASP A 323 -25.39 35.51 10.22
N PHE A 324 -25.13 35.30 11.51
CA PHE A 324 -25.32 33.99 12.13
C PHE A 324 -26.24 34.06 13.34
N HIS A 325 -27.21 34.97 13.34
CA HIS A 325 -28.16 35.04 14.43
C HIS A 325 -29.13 33.87 14.39
N GLY A 326 -29.44 33.32 15.57
CA GLY A 326 -30.32 32.17 15.64
C GLY A 326 -29.64 30.84 15.39
N LEU A 327 -28.31 30.79 15.49
CA LEU A 327 -27.54 29.58 15.22
C LEU A 327 -26.69 29.23 16.43
N GLN A 328 -26.71 27.96 16.81
CA GLN A 328 -25.87 27.44 17.88
C GLN A 328 -24.82 26.52 17.27
N VAL A 329 -23.56 26.72 17.66
CA VAL A 329 -22.44 25.95 17.12
C VAL A 329 -21.63 25.37 18.27
N LEU A 330 -21.20 24.12 18.12
CA LEU A 330 -20.30 23.46 19.06
C LEU A 330 -19.03 23.10 18.32
N VAL A 331 -17.93 23.77 18.64
CA VAL A 331 -16.65 23.52 17.98
C VAL A 331 -15.65 23.02 19.00
N GLY A 332 -14.60 22.38 18.50
CA GLY A 332 -13.55 21.88 19.37
C GLY A 332 -12.48 21.17 18.58
N VAL A 333 -11.41 20.84 19.29
CA VAL A 333 -10.24 20.15 18.74
C VAL A 333 -9.75 19.15 19.77
N VAL A 334 -8.85 18.27 19.34
CA VAL A 334 -8.18 17.37 20.26
C VAL A 334 -6.88 18.03 20.72
N LYS A 335 -6.23 17.44 21.72
CA LYS A 335 -5.07 18.07 22.33
C LYS A 335 -3.86 18.07 21.42
N ASP A 336 -3.68 17.02 20.60
CA ASP A 336 -2.53 16.88 19.72
C ASP A 336 -3.04 16.63 18.29
N GLU A 337 -3.45 17.72 17.64
CA GLU A 337 -4.07 17.59 16.33
C GLU A 337 -3.08 17.14 15.27
N GLY A 338 -1.80 17.36 15.49
CA GLY A 338 -0.82 17.21 14.43
C GLY A 338 -0.02 15.92 14.44
N SER A 339 -0.04 15.19 15.55
CA SER A 339 0.84 14.02 15.68
C SER A 339 0.46 12.89 14.74
N TYR A 340 -0.84 12.75 14.44
CA TYR A 340 -1.28 11.65 13.57
C TYR A 340 -0.71 11.77 12.17
N PHE A 341 -0.45 12.99 11.71
CA PHE A 341 -0.06 13.22 10.33
C PHE A 341 1.45 13.27 10.12
N LEU A 342 2.25 13.36 11.17
CA LEU A 342 3.69 13.40 11.05
C LEU A 342 4.24 12.11 10.52
N VAL A 343 3.61 11.02 10.86
CA VAL A 343 4.04 9.71 10.47
C VAL A 343 3.83 9.46 9.01
N TYR A 344 3.18 10.40 8.37
CA TYR A 344 2.88 10.30 7.00
C TYR A 344 3.82 11.06 6.13
N GLY A 345 5.02 11.30 6.60
CA GLY A 345 5.98 12.03 5.80
C GLY A 345 7.00 12.95 6.37
N ALA A 346 6.88 13.27 7.63
CA ALA A 346 7.83 14.12 8.25
C ALA A 346 9.06 13.30 8.51
N PRO A 347 10.25 13.85 8.09
CA PRO A 347 11.44 13.03 8.32
C PRO A 347 11.81 12.73 9.75
N GLY A 348 12.33 11.55 9.98
CA GLY A 348 12.68 11.14 11.33
C GLY A 348 11.53 10.65 12.17
N PHE A 349 10.31 10.58 11.62
CA PHE A 349 9.14 10.19 12.37
C PHE A 349 8.75 8.76 12.05
N SER A 350 8.54 7.96 13.10
CA SER A 350 8.11 6.58 12.99
C SER A 350 7.29 6.24 14.23
N LYS A 351 6.11 5.65 14.02
CA LYS A 351 5.23 5.33 15.13
C LYS A 351 5.81 4.24 16.04
N ASP A 352 6.86 3.54 15.61
CA ASP A 352 7.42 2.43 16.37
C ASP A 352 8.68 2.81 17.14
N ASN A 353 9.12 4.07 17.06
CA ASN A 353 10.16 4.56 17.96
C ASN A 353 9.68 5.84 18.63
N GLU A 354 10.61 6.59 19.23
CA GLU A 354 10.26 7.79 19.99
C GLU A 354 10.15 9.03 19.12
N SER A 355 10.54 8.97 17.84
CA SER A 355 10.48 10.10 16.92
C SER A 355 11.21 11.32 17.49
N LEU A 356 12.32 11.07 18.16
CA LEU A 356 13.17 12.14 18.68
C LEU A 356 13.95 12.76 17.53
N ILE A 357 13.34 13.72 16.83
CA ILE A 357 13.90 14.27 15.61
C ILE A 357 15.03 15.24 15.93
N SER A 358 15.99 15.33 15.02
CA SER A 358 17.04 16.33 15.12
C SER A 358 16.46 17.70 14.76
N ARG A 359 17.32 18.73 14.81
CA ARG A 359 16.86 20.04 14.40
C ARG A 359 16.74 20.15 12.89
N ALA A 360 17.68 19.55 12.15
CA ALA A 360 17.60 19.56 10.69
C ALA A 360 16.32 18.92 10.20
N GLU A 361 15.87 17.86 10.87
CA GLU A 361 14.60 17.23 10.52
C GLU A 361 13.41 18.13 10.87
N PHE A 362 13.55 18.95 11.91
CA PHE A 362 12.47 19.87 12.27
C PHE A 362 12.27 20.92 11.19
N LEU A 363 13.36 21.53 10.70
CA LEU A 363 13.24 22.54 9.65
C LEU A 363 12.68 21.94 8.37
N ALA A 364 13.03 20.69 8.07
CA ALA A 364 12.47 20.03 6.90
C ALA A 364 11.00 19.69 7.10
N GLY A 365 10.62 19.30 8.32
CA GLY A 365 9.24 18.96 8.58
C GLY A 365 8.29 20.13 8.45
N VAL A 366 8.77 21.34 8.77
CA VAL A 366 7.94 22.53 8.62
C VAL A 366 7.56 22.73 7.16
N ARG A 367 8.44 22.35 6.23
CA ARG A 367 8.14 22.49 4.81
C ARG A 367 7.06 21.50 4.38
N VAL A 368 7.07 20.30 4.94
CA VAL A 368 6.06 19.30 4.60
C VAL A 368 4.74 19.60 5.31
N GLY A 369 4.79 20.02 6.58
CA GLY A 369 3.56 20.31 7.29
C GLY A 369 2.92 21.62 6.87
N VAL A 370 3.74 22.61 6.53
CA VAL A 370 3.23 23.88 6.03
C VAL A 370 3.77 24.06 4.61
N PRO A 371 3.18 23.41 3.62
CA PRO A 371 3.68 23.54 2.25
C PRO A 371 3.24 24.85 1.62
N GLN A 372 3.75 25.08 0.41
CA GLN A 372 3.40 26.20 -0.46
C GLN A 372 3.71 27.56 0.16
N VAL A 373 4.70 27.64 1.05
CA VAL A 373 5.06 28.91 1.67
C VAL A 373 6.52 29.22 1.34
N SER A 374 6.85 30.51 1.35
CA SER A 374 8.18 30.96 0.98
C SER A 374 9.20 30.58 2.06
N ASP A 375 10.49 30.76 1.72
CA ASP A 375 11.55 30.41 2.65
C ASP A 375 11.57 31.35 3.85
N LEU A 376 11.29 32.63 3.62
CA LEU A 376 11.18 33.57 4.74
C LEU A 376 9.98 33.23 5.62
N ALA A 377 8.87 32.82 5.00
CA ALA A 377 7.70 32.43 5.78
C ALA A 377 7.99 31.19 6.62
N ALA A 378 8.73 30.22 6.05
CA ALA A 378 9.06 29.02 6.81
C ALA A 378 9.98 29.35 7.98
N GLU A 379 10.87 30.34 7.80
CA GLU A 379 11.75 30.74 8.90
C GLU A 379 10.95 31.35 10.04
N ALA A 380 9.98 32.21 9.73
CA ALA A 380 9.14 32.81 10.77
C ALA A 380 8.40 31.74 11.56
N VAL A 381 8.06 30.63 10.93
CA VAL A 381 7.42 29.52 11.65
C VAL A 381 8.41 28.85 12.58
N VAL A 382 9.63 28.59 12.08
CA VAL A 382 10.64 27.92 12.90
C VAL A 382 11.01 28.78 14.10
N LEU A 383 11.27 30.07 13.87
CA LEU A 383 11.70 30.94 14.95
C LEU A 383 10.57 31.26 15.93
N HIS A 384 9.31 31.09 15.53
CA HIS A 384 8.19 31.28 16.44
C HIS A 384 7.93 30.05 17.30
N TYR A 385 8.22 28.86 16.77
CA TYR A 385 7.94 27.62 17.47
C TYR A 385 9.17 27.01 18.13
N THR A 386 10.31 27.70 18.10
CA THR A 386 11.52 27.21 18.75
C THR A 386 11.61 27.75 20.17
N ASP A 387 11.83 26.85 21.12
CA ASP A 387 12.27 27.25 22.45
C ASP A 387 13.77 27.51 22.38
N TRP A 388 14.17 28.75 22.64
CA TRP A 388 15.56 29.14 22.45
C TRP A 388 16.43 28.86 23.65
N LEU A 389 15.85 28.43 24.77
CA LEU A 389 16.65 27.85 25.85
C LEU A 389 16.99 26.39 25.56
N HIS A 390 16.19 25.71 24.74
CA HIS A 390 16.44 24.33 24.33
C HIS A 390 16.14 24.18 22.85
N PRO A 391 16.93 24.84 21.98
CA PRO A 391 16.64 24.79 20.55
C PRO A 391 17.07 23.50 19.87
N GLU A 392 17.66 22.56 20.62
CA GLU A 392 18.12 21.31 20.05
C GLU A 392 17.53 20.08 20.74
N ASP A 393 16.71 20.27 21.76
CA ASP A 393 16.08 19.16 22.46
C ASP A 393 15.15 18.40 21.49
N PRO A 394 15.41 17.13 21.20
CA PRO A 394 14.58 16.41 20.22
C PRO A 394 13.12 16.28 20.64
N ALA A 395 12.86 16.06 21.93
CA ALA A 395 11.49 15.89 22.38
C ALA A 395 10.69 17.18 22.22
N ARG A 396 11.30 18.33 22.50
CA ARG A 396 10.61 19.60 22.32
C ARG A 396 10.40 19.90 20.85
N LEU A 397 11.36 19.54 19.99
CA LEU A 397 11.19 19.75 18.56
C LEU A 397 10.07 18.88 18.00
N ARG A 398 9.92 17.67 18.54
CA ARG A 398 8.83 16.79 18.12
C ARG A 398 7.47 17.42 18.44
N GLU A 399 7.28 17.82 19.69
CA GLU A 399 6.04 18.49 20.08
C GLU A 399 5.87 19.82 19.33
N ALA A 400 6.97 20.48 18.97
CA ALA A 400 6.88 21.72 18.23
C ALA A 400 6.30 21.51 16.85
N LEU A 401 6.86 20.55 16.09
CA LEU A 401 6.35 20.26 14.76
C LEU A 401 4.92 19.74 14.81
N SER A 402 4.58 19.00 15.87
CA SER A 402 3.19 18.58 16.05
C SER A 402 2.27 19.78 16.20
N ASP A 403 2.73 20.82 16.90
CA ASP A 403 1.92 22.03 17.03
C ASP A 403 1.90 22.82 15.73
N VAL A 404 3.02 22.81 14.99
CA VAL A 404 3.11 23.60 13.75
C VAL A 404 2.04 23.15 12.77
N VAL A 405 1.93 21.85 12.55
CA VAL A 405 0.93 21.35 11.59
C VAL A 405 -0.45 21.28 12.24
N GLY A 406 -0.51 21.13 13.57
CA GLY A 406 -1.80 21.10 14.23
C GLY A 406 -2.47 22.46 14.26
N ASP A 407 -1.69 23.51 14.54
CA ASP A 407 -2.25 24.85 14.56
C ASP A 407 -2.58 25.34 13.15
N HIS A 408 -1.66 25.11 12.20
CA HIS A 408 -1.84 25.65 10.86
C HIS A 408 -3.04 25.03 10.15
N ASN A 409 -3.34 23.76 10.42
CA ASN A 409 -4.34 23.03 9.66
C ASN A 409 -5.67 22.87 10.39
N VAL A 410 -5.68 22.84 11.72
CA VAL A 410 -6.91 22.54 12.44
C VAL A 410 -7.24 23.60 13.48
N VAL A 411 -6.38 23.75 14.48
CA VAL A 411 -6.74 24.50 15.68
C VAL A 411 -7.02 25.96 15.36
N CYS A 412 -6.21 26.57 14.50
CA CYS A 412 -6.38 27.99 14.21
C CYS A 412 -7.48 28.25 13.19
N PRO A 413 -7.66 27.42 12.15
CA PRO A 413 -8.87 27.56 11.33
C PRO A 413 -10.16 27.42 12.14
N VAL A 414 -10.17 26.54 13.14
CA VAL A 414 -11.34 26.40 14.00
C VAL A 414 -11.53 27.65 14.85
N ALA A 415 -10.45 28.10 15.51
CA ALA A 415 -10.54 29.26 16.38
C ALA A 415 -10.89 30.52 15.60
N GLN A 416 -10.31 30.68 14.40
CA GLN A 416 -10.68 31.79 13.53
C GLN A 416 -12.17 31.75 13.21
N LEU A 417 -12.69 30.59 12.85
CA LEU A 417 -14.12 30.44 12.55
C LEU A 417 -14.96 30.67 13.79
N ALA A 418 -14.55 30.10 14.93
CA ALA A 418 -15.37 30.19 16.14
C ALA A 418 -15.49 31.63 16.61
N GLY A 419 -14.43 32.41 16.48
CA GLY A 419 -14.48 33.81 16.91
C GLY A 419 -15.40 34.65 16.03
N ARG A 420 -15.33 34.45 14.71
CA ARG A 420 -16.17 35.23 13.81
C ARG A 420 -17.65 34.90 13.98
N LEU A 421 -17.97 33.67 14.36
CA LEU A 421 -19.37 33.29 14.55
C LEU A 421 -19.96 33.96 15.78
N ALA A 422 -19.26 33.86 16.92
CA ALA A 422 -19.78 34.42 18.16
C ALA A 422 -19.91 35.93 18.09
N ALA A 423 -19.03 36.58 17.32
CA ALA A 423 -19.07 38.03 17.18
C ALA A 423 -20.09 38.51 16.15
N GLN A 424 -20.70 37.59 15.39
CA GLN A 424 -21.65 37.98 14.37
C GLN A 424 -23.03 37.34 14.56
N GLY A 425 -23.41 37.01 15.79
CA GLY A 425 -24.74 36.53 16.09
C GLY A 425 -24.84 35.09 16.61
N ALA A 426 -23.90 34.21 16.25
CA ALA A 426 -24.02 32.81 16.64
C ALA A 426 -23.67 32.59 18.11
N ARG A 427 -24.34 31.62 18.72
CA ARG A 427 -23.99 31.15 20.04
C ARG A 427 -23.03 29.98 19.90
N VAL A 428 -21.83 30.10 20.48
CA VAL A 428 -20.74 29.18 20.22
C VAL A 428 -20.25 28.60 21.54
N TYR A 429 -20.05 27.28 21.57
CA TYR A 429 -19.42 26.58 22.67
C TYR A 429 -18.17 25.87 22.14
N ALA A 430 -17.08 25.95 22.90
CA ALA A 430 -15.81 25.39 22.47
C ALA A 430 -15.29 24.40 23.49
N TYR A 431 -14.54 23.41 23.02
CA TYR A 431 -13.95 22.38 23.88
C TYR A 431 -12.57 22.01 23.36
N VAL A 432 -11.82 21.33 24.22
CA VAL A 432 -10.54 20.72 23.85
C VAL A 432 -10.51 19.33 24.48
N PHE A 433 -10.47 18.30 23.63
CA PHE A 433 -10.49 16.92 24.11
C PHE A 433 -9.09 16.52 24.57
N GLU A 434 -8.97 16.15 25.85
CA GLU A 434 -7.66 15.90 26.45
C GLU A 434 -7.55 14.53 27.10
N HIS A 435 -8.39 13.57 26.72
CA HIS A 435 -8.30 12.21 27.24
C HIS A 435 -7.76 11.28 26.16
N ARG A 436 -6.71 10.54 26.50
CA ARG A 436 -6.15 9.51 25.63
C ARG A 436 -6.70 8.16 26.06
N ALA A 437 -7.35 7.47 25.12
CA ALA A 437 -8.01 6.21 25.44
C ALA A 437 -7.01 5.18 25.95
N SER A 438 -7.45 4.35 26.89
CA SER A 438 -6.58 3.34 27.49
C SER A 438 -6.27 2.22 26.52
N THR A 439 -7.04 2.09 25.44
CA THR A 439 -6.83 1.05 24.43
C THR A 439 -6.19 1.60 23.16
N LEU A 440 -5.63 2.80 23.21
CA LEU A 440 -5.09 3.43 22.01
C LEU A 440 -3.84 2.70 21.52
N SER A 441 -3.81 2.39 20.23
CA SER A 441 -2.71 1.62 19.66
C SER A 441 -1.59 2.49 19.11
N TRP A 442 -1.83 3.79 18.94
CA TRP A 442 -0.76 4.70 18.53
C TRP A 442 0.23 4.88 19.68
N PRO A 443 1.46 5.28 19.37
CA PRO A 443 2.46 5.45 20.43
C PRO A 443 2.08 6.58 21.39
N LEU A 444 2.75 6.57 22.54
CA LEU A 444 2.42 7.52 23.59
C LEU A 444 2.75 8.96 23.19
N TRP A 445 3.81 9.16 22.42
CA TRP A 445 4.23 10.52 22.09
C TRP A 445 3.24 11.25 21.21
N MET A 446 2.25 10.56 20.63
CA MET A 446 1.20 11.22 19.89
C MET A 446 0.11 11.81 20.79
N GLY A 447 0.09 11.45 22.06
CA GLY A 447 -0.83 12.10 22.98
C GLY A 447 -2.26 11.71 22.62
N VAL A 448 -3.08 12.71 22.34
CA VAL A 448 -4.45 12.49 21.88
C VAL A 448 -4.50 12.82 20.40
N PRO A 449 -4.36 11.83 19.52
CA PRO A 449 -4.25 12.13 18.08
C PRO A 449 -5.56 12.58 17.49
N HIS A 450 -5.48 13.04 16.25
CA HIS A 450 -6.65 13.51 15.52
C HIS A 450 -7.61 12.36 15.24
N GLY A 451 -8.87 12.53 15.63
CA GLY A 451 -9.91 11.57 15.35
C GLY A 451 -10.30 10.65 16.49
N TYR A 452 -9.62 10.74 17.63
CA TYR A 452 -9.83 9.79 18.71
C TYR A 452 -10.67 10.37 19.85
N GLU A 453 -11.51 11.36 19.54
CA GLU A 453 -12.64 11.71 20.38
C GLU A 453 -13.94 11.10 19.88
N ILE A 454 -13.96 10.63 18.64
CA ILE A 454 -15.17 10.12 18.01
C ILE A 454 -15.71 8.92 18.77
N GLU A 455 -14.81 8.00 19.17
CA GLU A 455 -15.23 6.79 19.85
C GLU A 455 -15.91 7.06 21.19
N PHE A 456 -15.64 8.21 21.80
CA PHE A 456 -16.32 8.57 23.04
C PHE A 456 -17.62 9.31 22.80
N ILE A 457 -17.73 10.05 21.69
CA ILE A 457 -18.98 10.70 21.34
C ILE A 457 -20.03 9.65 20.98
N PHE A 458 -19.62 8.56 20.36
CA PHE A 458 -20.53 7.49 19.93
C PHE A 458 -20.68 6.40 20.99
N GLY A 459 -20.11 6.58 22.18
CA GLY A 459 -20.33 5.63 23.26
C GLY A 459 -19.76 4.25 23.01
N ILE A 460 -18.72 4.15 22.19
CA ILE A 460 -18.06 2.88 21.90
C ILE A 460 -17.53 2.20 23.16
N PRO A 461 -17.04 2.93 24.17
CA PRO A 461 -16.64 2.25 25.42
C PRO A 461 -17.75 1.42 26.06
N LEU A 462 -19.02 1.67 25.73
CA LEU A 462 -20.10 0.87 26.29
C LEU A 462 -20.17 -0.53 25.71
N ASP A 463 -19.48 -0.78 24.59
CA ASP A 463 -19.45 -2.11 23.99
C ASP A 463 -18.83 -3.09 24.98
N PRO A 464 -19.57 -4.11 25.43
CA PRO A 464 -19.01 -5.03 26.43
C PRO A 464 -17.87 -5.88 25.93
N SER A 465 -17.63 -5.95 24.61
CA SER A 465 -16.52 -6.71 24.05
C SER A 465 -15.27 -5.88 23.84
N ARG A 466 -15.12 -4.78 24.58
CA ARG A 466 -13.95 -3.92 24.49
C ARG A 466 -13.39 -3.66 25.87
N ASN A 467 -12.08 -3.53 25.95
CA ASN A 467 -11.37 -3.43 27.23
C ASN A 467 -11.23 -1.98 27.68
N TYR A 468 -12.35 -1.26 27.71
CA TYR A 468 -12.37 0.10 28.25
C TYR A 468 -12.52 0.07 29.75
N THR A 469 -12.03 1.11 30.42
CA THR A 469 -12.10 1.19 31.86
C THR A 469 -13.47 1.66 32.31
N ALA A 470 -13.74 1.50 33.61
CA ALA A 470 -15.02 1.94 34.17
C ALA A 470 -15.14 3.46 34.13
N GLU A 471 -14.03 4.17 34.33
CA GLU A 471 -14.08 5.63 34.29
C GLU A 471 -14.34 6.14 32.87
N GLU A 472 -13.81 5.44 31.86
CA GLU A 472 -14.09 5.82 30.48
C GLU A 472 -15.54 5.56 30.10
N LYS A 473 -16.16 4.55 30.70
CA LYS A 473 -17.58 4.30 30.46
C LYS A 473 -18.43 5.45 30.99
N ILE A 474 -18.15 5.89 32.22
CA ILE A 474 -18.86 7.04 32.77
C ILE A 474 -18.53 8.29 31.98
N PHE A 475 -17.28 8.42 31.54
CA PHE A 475 -16.87 9.58 30.75
C PHE A 475 -17.58 9.61 29.41
N ALA A 476 -17.75 8.44 28.77
CA ALA A 476 -18.43 8.38 27.48
C ALA A 476 -19.89 8.78 27.62
N GLN A 477 -20.57 8.26 28.65
CA GLN A 477 -21.96 8.61 28.87
C GLN A 477 -22.11 10.11 29.12
N ARG A 478 -21.17 10.70 29.87
CA ARG A 478 -21.23 12.14 30.12
C ARG A 478 -21.03 12.93 28.84
N LEU A 479 -20.18 12.44 27.95
CA LEU A 479 -19.93 13.14 26.69
C LEU A 479 -21.14 13.11 25.78
N MET A 480 -21.78 11.95 25.65
CA MET A 480 -22.97 11.84 24.80
C MET A 480 -24.08 12.75 25.29
N ARG A 481 -24.16 13.00 26.59
CA ARG A 481 -25.18 13.90 27.13
C ARG A 481 -24.93 15.33 26.67
N TYR A 482 -23.66 15.78 26.69
CA TYR A 482 -23.34 17.10 26.15
C TYR A 482 -23.79 17.23 24.70
N TRP A 483 -23.46 16.23 23.87
CA TRP A 483 -23.81 16.29 22.45
C TRP A 483 -25.32 16.20 22.26
N ALA A 484 -26.00 15.38 23.06
CA ALA A 484 -27.45 15.27 22.93
C ALA A 484 -28.15 16.52 23.43
N ASN A 485 -27.72 17.06 24.57
CA ASN A 485 -28.31 18.29 25.08
C ASN A 485 -28.15 19.43 24.08
N PHE A 486 -27.00 19.52 23.42
CA PHE A 486 -26.82 20.52 22.39
C PHE A 486 -27.76 20.27 21.21
N ALA A 487 -27.97 19.00 20.86
CA ALA A 487 -28.89 18.68 19.77
C ALA A 487 -30.32 19.04 20.14
N ARG A 488 -30.69 18.85 21.41
CA ARG A 488 -32.06 19.13 21.84
C ARG A 488 -32.29 20.62 22.07
N THR A 489 -31.45 21.24 22.90
CA THR A 489 -31.71 22.60 23.37
C THR A 489 -30.73 23.63 22.83
N GLY A 490 -29.72 23.21 22.07
CA GLY A 490 -28.71 24.16 21.64
C GLY A 490 -27.77 24.60 22.73
N ASP A 491 -27.71 23.86 23.83
CA ASP A 491 -26.87 24.19 24.97
C ASP A 491 -26.37 22.89 25.59
N PRO A 492 -25.06 22.66 25.62
CA PRO A 492 -24.54 21.40 26.17
C PRO A 492 -24.76 21.24 27.66
N ASN A 493 -25.02 22.33 28.39
CA ASN A 493 -25.20 22.24 29.83
C ASN A 493 -26.51 21.54 30.16
N GLU A 494 -26.50 20.79 31.26
CA GLU A 494 -27.71 20.12 31.72
C GLU A 494 -28.80 21.14 32.02
N PRO A 495 -30.01 20.95 31.52
CA PRO A 495 -31.05 21.97 31.71
C PRO A 495 -31.34 22.29 33.17
N ARG A 496 -31.38 21.28 34.04
CA ARG A 496 -31.71 21.48 35.45
C ARG A 496 -30.77 20.64 36.32
N ASP A 497 -29.47 20.94 36.23
CA ASP A 497 -28.46 20.35 37.10
C ASP A 497 -27.42 21.43 37.38
N PRO A 498 -27.73 22.38 38.28
CA PRO A 498 -26.79 23.47 38.56
C PRO A 498 -25.55 23.03 39.32
N LYS A 499 -25.54 21.82 39.91
CA LYS A 499 -24.39 21.41 40.71
C LYS A 499 -23.20 21.06 39.84
N ALA A 500 -23.44 20.47 38.67
CA ALA A 500 -22.35 20.11 37.78
C ALA A 500 -21.68 21.37 37.24
N PRO A 501 -20.37 21.33 37.01
CA PRO A 501 -19.67 22.51 36.48
C PRO A 501 -20.27 22.95 35.15
N GLN A 502 -20.30 24.26 34.94
CA GLN A 502 -20.99 24.85 33.80
C GLN A 502 -20.03 25.07 32.64
N TRP A 503 -20.61 25.04 31.43
CA TRP A 503 -19.89 25.21 30.18
C TRP A 503 -20.25 26.57 29.60
N PRO A 504 -19.44 27.61 29.82
CA PRO A 504 -19.80 28.95 29.34
C PRO A 504 -19.61 29.07 27.84
N PRO A 505 -20.42 29.89 27.17
CA PRO A 505 -20.25 30.09 25.74
C PRO A 505 -18.89 30.69 25.40
N TYR A 506 -18.47 30.47 24.16
CA TYR A 506 -17.23 31.01 23.64
C TYR A 506 -17.52 32.36 22.98
N THR A 507 -16.91 33.42 23.49
CA THR A 507 -17.05 34.75 22.92
C THR A 507 -15.72 35.21 22.33
N ALA A 508 -15.80 36.12 21.36
CA ALA A 508 -14.59 36.57 20.68
C ALA A 508 -13.62 37.26 21.61
N GLY A 509 -14.09 37.79 22.74
CA GLY A 509 -13.22 38.48 23.68
C GLY A 509 -12.71 37.59 24.79
N ALA A 510 -13.64 36.98 25.54
CA ALA A 510 -13.23 36.11 26.65
C ALA A 510 -12.61 34.82 26.14
N GLN A 511 -13.13 34.27 25.04
CA GLN A 511 -12.56 33.09 24.39
C GLN A 511 -12.51 31.90 25.34
N GLN A 512 -13.64 31.59 25.96
CA GLN A 512 -13.71 30.55 26.97
C GLN A 512 -14.04 29.20 26.33
N TYR A 513 -13.40 28.15 26.84
CA TYR A 513 -13.67 26.78 26.44
C TYR A 513 -13.48 25.88 27.66
N VAL A 514 -13.87 24.62 27.51
CA VAL A 514 -13.74 23.65 28.58
C VAL A 514 -12.88 22.49 28.10
N SER A 515 -12.25 21.82 29.06
CA SER A 515 -11.41 20.65 28.80
C SER A 515 -12.22 19.39 29.07
N LEU A 516 -12.28 18.50 28.08
CA LEU A 516 -13.02 17.25 28.20
C LEU A 516 -12.04 16.12 28.50
N ASP A 517 -12.07 15.64 29.74
CA ASP A 517 -11.28 14.48 30.15
C ASP A 517 -11.97 13.85 31.35
N LEU A 518 -11.27 12.95 32.04
CA LEU A 518 -11.85 12.24 33.17
C LEU A 518 -12.12 13.14 34.37
N ARG A 519 -11.53 14.34 34.39
CA ARG A 519 -11.83 15.31 35.44
C ARG A 519 -13.06 16.12 35.08
N PRO A 520 -13.76 16.68 36.07
CA PRO A 520 -14.89 17.56 35.78
C PRO A 520 -14.46 18.75 34.93
N LEU A 521 -15.46 19.44 34.38
CA LEU A 521 -15.20 20.54 33.46
C LEU A 521 -14.36 21.62 34.12
N GLU A 522 -13.42 22.17 33.35
CA GLU A 522 -12.58 23.27 33.79
C GLU A 522 -12.55 24.31 32.67
N VAL A 523 -12.92 25.54 32.99
CA VAL A 523 -12.97 26.61 32.00
C VAL A 523 -11.56 27.15 31.77
N ARG A 524 -11.22 27.38 30.51
CA ARG A 524 -9.96 27.99 30.13
C ARG A 524 -10.23 29.05 29.07
N ARG A 525 -9.23 29.88 28.81
CA ARG A 525 -9.37 30.99 27.88
C ARG A 525 -8.28 30.91 26.83
N GLY A 526 -8.69 31.01 25.56
CA GLY A 526 -7.75 31.05 24.46
C GLY A 526 -7.49 29.69 23.80
N LEU A 527 -8.00 29.52 22.59
CA LEU A 527 -7.71 28.34 21.78
C LEU A 527 -6.37 28.56 21.08
N ARG A 528 -5.29 28.33 21.82
CA ARG A 528 -3.93 28.59 21.33
C ARG A 528 -3.81 30.03 20.83
N ALA A 529 -4.22 30.97 21.70
CA ALA A 529 -4.43 32.35 21.26
C ALA A 529 -3.15 32.97 20.73
N GLN A 530 -2.01 32.72 21.39
CA GLN A 530 -0.76 33.31 20.94
C GLN A 530 -0.32 32.72 19.60
N ALA A 531 -0.35 31.40 19.48
CA ALA A 531 0.08 30.76 18.24
C ALA A 531 -0.85 31.10 17.08
N CYS A 532 -2.17 31.09 17.32
CA CYS A 532 -3.11 31.34 16.26
C CYS A 532 -3.12 32.80 15.80
N ALA A 533 -2.64 33.71 16.63
CA ALA A 533 -2.44 35.08 16.16
C ALA A 533 -1.33 35.15 15.12
N PHE A 534 -0.34 34.26 15.21
CA PHE A 534 0.72 34.22 14.21
C PHE A 534 0.20 33.73 12.87
N TRP A 535 -0.68 32.74 12.88
CA TRP A 535 -1.19 32.19 11.63
C TRP A 535 -2.28 33.07 11.02
N ASN A 536 -3.23 33.53 11.85
CA ASN A 536 -4.38 34.24 11.31
C ASN A 536 -4.11 35.71 11.03
N ARG A 537 -3.22 36.34 11.81
CA ARG A 537 -3.02 37.79 11.72
C ARG A 537 -1.74 38.16 10.97
N PHE A 538 -0.60 37.58 11.34
CA PHE A 538 0.67 38.04 10.78
C PHE A 538 1.04 37.33 9.48
N LEU A 539 0.98 36.00 9.45
CA LEU A 539 1.40 35.25 8.27
C LEU A 539 0.76 35.74 6.97
N PRO A 540 -0.52 36.12 6.92
CA PRO A 540 -1.03 36.74 5.68
C PRO A 540 -0.33 38.03 5.32
N LYS A 541 0.04 38.83 6.33
CA LYS A 541 0.73 40.08 6.04
C LYS A 541 2.14 39.82 5.51
N LEU A 542 2.83 38.84 6.08
CA LEU A 542 4.16 38.48 5.58
C LEU A 542 4.07 37.84 4.20
N LEU A 543 3.03 37.04 3.95
CA LEU A 543 2.84 36.44 2.65
C LEU A 543 2.55 37.45 1.55
N SER A 544 2.25 38.70 1.92
CA SER A 544 2.15 39.79 0.96
C SER A 544 3.50 40.38 0.59
N ALA A 545 4.50 39.52 0.35
CA ALA A 545 5.85 39.99 0.04
C ALA A 545 6.54 39.12 -1.01
N THR A 546 5.83 38.17 -1.62
CA THR A 546 6.37 37.30 -2.66
C THR A 546 7.65 36.61 -2.23
N GLU B 7 -2.47 -45.38 -7.53
CA GLU B 7 -3.71 -44.78 -7.04
C GLU B 7 -3.48 -44.04 -5.73
N ASP B 8 -4.45 -44.12 -4.81
CA ASP B 8 -4.31 -43.46 -3.52
C ASP B 8 -3.21 -44.07 -2.66
N ALA B 9 -2.73 -45.26 -3.01
CA ALA B 9 -1.58 -45.82 -2.32
C ALA B 9 -0.30 -45.06 -2.65
N GLU B 10 -0.25 -44.41 -3.82
CA GLU B 10 0.91 -43.66 -4.23
C GLU B 10 0.93 -42.24 -3.67
N LEU B 11 -0.15 -41.80 -3.02
CA LEU B 11 -0.18 -40.53 -2.30
C LEU B 11 0.36 -40.66 -0.89
N LEU B 12 1.00 -41.78 -0.56
CA LEU B 12 1.59 -42.02 0.75
C LEU B 12 3.07 -42.31 0.55
N VAL B 13 3.92 -41.51 1.22
CA VAL B 13 5.36 -41.61 1.07
C VAL B 13 6.01 -41.39 2.43
N THR B 14 7.07 -42.16 2.72
CA THR B 14 7.85 -42.00 3.93
C THR B 14 9.20 -41.42 3.57
N VAL B 15 9.62 -40.40 4.32
CA VAL B 15 10.95 -39.81 4.17
C VAL B 15 11.72 -40.00 5.47
N ARG B 16 12.96 -39.48 5.52
CA ARG B 16 13.81 -39.67 6.69
C ARG B 16 13.25 -39.03 7.95
N GLY B 17 12.21 -38.20 7.84
CA GLY B 17 11.62 -37.55 9.00
C GLY B 17 10.30 -38.15 9.43
N GLY B 18 9.58 -38.78 8.51
CA GLY B 18 8.30 -39.38 8.85
C GLY B 18 7.49 -39.67 7.60
N ARG B 19 6.18 -39.76 7.77
CA ARG B 19 5.26 -40.11 6.70
C ARG B 19 4.51 -38.87 6.21
N LEU B 20 4.13 -38.91 4.94
CA LEU B 20 3.44 -37.80 4.28
C LEU B 20 2.27 -38.33 3.49
N ARG B 21 1.20 -37.53 3.42
CA ARG B 21 0.07 -37.79 2.54
C ARG B 21 -0.05 -36.63 1.56
N GLY B 22 0.14 -36.92 0.28
CA GLY B 22 0.02 -35.93 -0.77
C GLY B 22 -1.37 -35.86 -1.36
N ILE B 23 -1.46 -35.22 -2.52
CA ILE B 23 -2.72 -35.02 -3.21
C ILE B 23 -2.50 -35.23 -4.71
N ARG B 24 -3.57 -35.62 -5.40
CA ARG B 24 -3.53 -35.83 -6.84
C ARG B 24 -4.02 -34.57 -7.55
N LEU B 25 -3.19 -34.03 -8.43
CA LEU B 25 -3.55 -32.88 -9.25
C LEU B 25 -3.91 -33.34 -10.66
N LYS B 26 -4.83 -32.62 -11.28
CA LYS B 26 -5.36 -33.00 -12.59
C LYS B 26 -4.83 -32.06 -13.67
N THR B 27 -4.36 -32.64 -14.76
CA THR B 27 -3.96 -31.94 -15.96
C THR B 27 -4.73 -32.52 -17.13
N PRO B 28 -4.88 -31.77 -18.23
CA PRO B 28 -5.60 -32.31 -19.40
C PRO B 28 -4.96 -33.55 -20.01
N GLY B 29 -3.76 -33.94 -19.56
CA GLY B 29 -3.10 -35.09 -20.15
C GLY B 29 -2.86 -36.24 -19.18
N GLY B 30 -3.25 -36.07 -17.92
CA GLY B 30 -3.08 -37.10 -16.93
C GLY B 30 -2.86 -36.54 -15.54
N PRO B 31 -2.88 -37.42 -14.54
CA PRO B 31 -2.75 -36.99 -13.15
C PRO B 31 -1.29 -36.88 -12.71
N VAL B 32 -1.10 -36.09 -11.64
CA VAL B 32 0.21 -35.87 -11.04
C VAL B 32 0.07 -35.97 -9.53
N SER B 33 1.09 -36.52 -8.87
CA SER B 33 1.12 -36.64 -7.42
C SER B 33 1.95 -35.49 -6.85
N ALA B 34 1.31 -34.67 -6.00
CA ALA B 34 1.95 -33.53 -5.38
C ALA B 34 2.03 -33.72 -3.88
N PHE B 35 3.13 -33.23 -3.28
CA PHE B 35 3.35 -33.29 -1.84
C PHE B 35 3.67 -31.87 -1.37
N LEU B 36 2.63 -31.09 -1.13
CA LEU B 36 2.77 -29.66 -0.85
C LEU B 36 2.81 -29.42 0.66
N GLY B 37 3.85 -28.76 1.13
CA GLY B 37 3.96 -28.37 2.51
C GLY B 37 4.84 -29.24 3.37
N ILE B 38 5.85 -29.88 2.81
CA ILE B 38 6.76 -30.73 3.57
C ILE B 38 7.70 -29.86 4.38
N PRO B 39 7.71 -29.98 5.71
CA PRO B 39 8.67 -29.21 6.52
C PRO B 39 10.07 -29.75 6.36
N PHE B 40 11.02 -28.87 6.05
CA PHE B 40 12.42 -29.26 5.96
C PHE B 40 13.30 -28.59 6.99
N ALA B 41 12.74 -27.75 7.86
CA ALA B 41 13.51 -27.10 8.90
C ALA B 41 12.62 -26.79 10.08
N GLU B 42 13.24 -26.68 11.26
CA GLU B 42 12.51 -26.19 12.42
C GLU B 42 12.08 -24.75 12.18
N PRO B 43 10.88 -24.37 12.58
CA PRO B 43 10.41 -22.99 12.37
C PRO B 43 11.36 -21.99 12.99
N PRO B 44 11.86 -21.03 12.19
CA PRO B 44 12.85 -20.05 12.69
C PRO B 44 12.17 -18.88 13.41
N MET B 45 11.56 -19.20 14.54
CA MET B 45 10.81 -18.23 15.33
C MET B 45 11.48 -18.01 16.68
N GLY B 46 11.07 -16.94 17.35
CA GLY B 46 11.58 -16.60 18.66
C GLY B 46 13.07 -16.36 18.65
N PRO B 47 13.80 -17.11 19.48
CA PRO B 47 15.26 -16.96 19.51
C PRO B 47 15.96 -17.47 18.25
N ARG B 48 15.24 -18.12 17.34
CA ARG B 48 15.82 -18.61 16.09
C ARG B 48 15.68 -17.62 14.94
N ARG B 49 15.06 -16.47 15.17
CA ARG B 49 14.97 -15.45 14.14
C ARG B 49 16.35 -14.90 13.83
N PHE B 50 16.63 -14.71 12.53
CA PHE B 50 17.89 -14.25 11.95
C PHE B 50 18.99 -15.30 12.02
N LEU B 51 18.70 -16.52 12.48
CA LEU B 51 19.73 -17.55 12.63
C LEU B 51 19.68 -18.54 11.48
N PRO B 52 20.78 -19.25 11.23
CA PRO B 52 20.76 -20.26 10.18
C PRO B 52 19.73 -21.33 10.49
N PRO B 53 19.16 -21.95 9.46
CA PRO B 53 18.14 -22.97 9.69
C PRO B 53 18.72 -24.23 10.30
N GLU B 54 17.87 -24.94 11.03
CA GLU B 54 18.21 -26.24 11.60
C GLU B 54 17.27 -27.30 11.03
N PRO B 55 17.77 -28.52 10.81
CA PRO B 55 16.94 -29.53 10.15
C PRO B 55 15.72 -29.89 10.97
N LYS B 56 14.61 -30.14 10.28
CA LYS B 56 13.37 -30.51 10.94
C LYS B 56 13.53 -31.84 11.66
N GLN B 57 13.25 -31.83 12.96
CA GLN B 57 13.30 -33.06 13.74
C GLN B 57 12.17 -33.99 13.32
N PRO B 58 12.43 -35.31 13.34
CA PRO B 58 11.43 -36.26 12.85
C PRO B 58 10.13 -36.17 13.63
N TRP B 59 9.03 -36.45 12.94
CA TRP B 59 7.69 -36.27 13.49
C TRP B 59 6.98 -37.62 13.58
N SER B 60 6.05 -37.70 14.53
CA SER B 60 5.18 -38.86 14.69
C SER B 60 3.87 -38.64 13.94
N GLY B 61 3.38 -39.68 13.31
CA GLY B 61 2.13 -39.61 12.57
C GLY B 61 2.34 -39.35 11.09
N VAL B 62 1.30 -38.81 10.48
CA VAL B 62 1.27 -38.52 9.04
C VAL B 62 1.05 -37.03 8.87
N VAL B 63 2.09 -36.32 8.45
CA VAL B 63 1.96 -34.90 8.14
C VAL B 63 1.12 -34.74 6.89
N ASP B 64 0.12 -33.85 6.95
CA ASP B 64 -0.69 -33.56 5.78
C ASP B 64 0.12 -32.74 4.79
N ALA B 65 0.20 -33.23 3.54
CA ALA B 65 0.97 -32.58 2.48
C ALA B 65 0.09 -32.39 1.25
N THR B 66 -1.11 -31.85 1.45
CA THR B 66 -2.08 -31.67 0.38
C THR B 66 -2.34 -30.20 0.05
N THR B 67 -1.67 -29.27 0.72
CA THR B 67 -1.87 -27.85 0.45
C THR B 67 -0.59 -27.09 0.79
N PHE B 68 -0.41 -25.95 0.13
CA PHE B 68 0.74 -25.11 0.39
C PHE B 68 0.71 -24.56 1.81
N GLN B 69 1.88 -24.46 2.42
CA GLN B 69 1.97 -23.91 3.78
C GLN B 69 2.06 -22.39 3.73
N SER B 70 2.49 -21.77 4.83
CA SER B 70 2.46 -20.32 4.95
C SER B 70 3.57 -19.69 4.12
N VAL B 71 3.33 -18.44 3.73
CA VAL B 71 4.31 -17.62 3.02
C VAL B 71 5.15 -16.88 4.04
N CYS B 72 6.46 -16.81 3.79
CA CYS B 72 7.34 -16.10 4.71
C CYS B 72 6.99 -14.62 4.75
N TYR B 73 7.16 -14.02 5.92
CA TYR B 73 6.80 -12.63 6.13
C TYR B 73 7.52 -11.73 5.13
N GLN B 74 6.77 -10.85 4.47
CA GLN B 74 7.32 -10.07 3.39
C GLN B 74 6.40 -8.88 3.11
N TYR B 75 6.98 -7.85 2.51
CA TYR B 75 6.22 -6.70 2.04
C TYR B 75 5.24 -7.12 0.95
N VAL B 76 4.04 -6.54 0.99
CA VAL B 76 3.00 -6.81 0.01
C VAL B 76 2.87 -5.61 -0.91
N ASP B 77 2.96 -5.86 -2.22
CA ASP B 77 2.94 -4.79 -3.20
C ASP B 77 1.57 -4.12 -3.24
N THR B 78 1.55 -2.79 -3.17
CA THR B 78 0.32 -2.01 -3.20
C THR B 78 0.35 -0.92 -4.26
N LEU B 79 1.24 -1.04 -5.25
CA LEU B 79 1.38 0.01 -6.26
C LEU B 79 0.12 0.13 -7.11
N TYR B 80 -0.45 -1.00 -7.52
CA TYR B 80 -1.68 -1.03 -8.33
C TYR B 80 -2.64 -2.02 -7.69
N PRO B 81 -3.41 -1.58 -6.69
CA PRO B 81 -4.37 -2.49 -6.04
C PRO B 81 -5.37 -3.04 -7.03
N GLY B 82 -5.67 -4.34 -6.89
CA GLY B 82 -6.62 -5.02 -7.75
C GLY B 82 -6.09 -5.39 -9.11
N PHE B 83 -4.83 -5.11 -9.41
CA PHE B 83 -4.25 -5.36 -10.72
C PHE B 83 -3.63 -6.75 -10.76
N GLU B 84 -3.97 -7.52 -11.80
CA GLU B 84 -3.46 -8.88 -11.91
C GLU B 84 -1.94 -8.90 -12.08
N GLY B 85 -1.40 -7.94 -12.85
CA GLY B 85 0.02 -7.98 -13.18
C GLY B 85 0.92 -7.88 -11.98
N THR B 86 0.48 -7.17 -10.94
CA THR B 86 1.27 -7.03 -9.72
C THR B 86 0.86 -8.01 -8.63
N GLU B 87 -0.45 -8.24 -8.52
CA GLU B 87 -0.99 -9.13 -7.50
C GLU B 87 -0.61 -10.61 -7.69
N MET B 88 -0.33 -11.00 -8.93
CA MET B 88 0.03 -12.38 -9.21
C MET B 88 1.34 -12.78 -8.52
N TRP B 89 2.12 -11.80 -8.07
CA TRP B 89 3.34 -12.05 -7.33
C TRP B 89 3.18 -11.88 -5.83
N ASN B 90 2.03 -11.40 -5.37
CA ASN B 90 1.78 -11.20 -3.96
C ASN B 90 1.47 -12.51 -3.25
N PRO B 91 1.65 -12.56 -1.92
CA PRO B 91 1.41 -13.82 -1.20
C PRO B 91 -0.04 -14.28 -1.34
N ASN B 92 -0.19 -15.58 -1.61
CA ASN B 92 -1.52 -16.19 -1.73
C ASN B 92 -1.84 -17.14 -0.57
N ARG B 93 -0.94 -17.26 0.40
CA ARG B 93 -1.22 -17.85 1.70
C ARG B 93 -0.92 -16.82 2.77
N GLU B 94 -1.36 -17.10 4.00
CA GLU B 94 -1.15 -16.14 5.07
C GLU B 94 0.32 -16.10 5.48
N LEU B 95 0.74 -14.95 5.99
CA LEU B 95 2.14 -14.75 6.36
C LEU B 95 2.43 -15.40 7.72
N SER B 96 3.65 -15.90 7.86
CA SER B 96 4.10 -16.52 9.10
C SER B 96 5.61 -16.70 9.04
N GLU B 97 6.27 -16.56 10.19
CA GLU B 97 7.69 -16.91 10.26
C GLU B 97 7.87 -18.42 10.14
N ASP B 98 6.87 -19.20 10.53
CA ASP B 98 6.85 -20.64 10.31
C ASP B 98 6.50 -20.86 8.84
N CYS B 99 7.54 -20.88 7.99
CA CYS B 99 7.32 -20.94 6.55
C CYS B 99 8.31 -21.85 5.82
N LEU B 100 9.28 -22.46 6.50
CA LEU B 100 10.30 -23.26 5.83
C LEU B 100 9.70 -24.61 5.43
N TYR B 101 9.02 -24.60 4.29
CA TYR B 101 8.39 -25.79 3.73
C TYR B 101 8.70 -25.87 2.24
N LEU B 102 8.84 -27.09 1.73
CA LEU B 102 9.09 -27.32 0.32
C LEU B 102 7.97 -28.17 -0.27
N ASN B 103 8.02 -28.32 -1.59
CA ASN B 103 6.97 -29.03 -2.34
C ASN B 103 7.61 -29.92 -3.39
N VAL B 104 7.04 -31.11 -3.57
CA VAL B 104 7.54 -32.09 -4.53
C VAL B 104 6.39 -32.52 -5.42
N TRP B 105 6.52 -32.30 -6.73
CA TRP B 105 5.64 -32.88 -7.72
C TRP B 105 6.32 -34.11 -8.33
N THR B 106 5.53 -35.15 -8.61
CA THR B 106 6.06 -36.36 -9.21
C THR B 106 4.98 -36.97 -10.10
N PRO B 107 5.37 -37.62 -11.20
CA PRO B 107 4.37 -38.09 -12.17
C PRO B 107 3.60 -39.29 -11.64
N TYR B 108 2.44 -39.52 -12.25
CA TYR B 108 1.68 -40.74 -12.01
C TYR B 108 1.63 -41.58 -13.29
N PRO B 109 2.00 -42.87 -13.22
CA PRO B 109 2.47 -43.54 -12.02
C PRO B 109 3.88 -43.10 -11.62
N ARG B 110 4.23 -43.27 -10.35
CA ARG B 110 5.51 -42.82 -9.85
C ARG B 110 6.65 -43.44 -10.67
N PRO B 111 7.69 -42.67 -11.00
CA PRO B 111 8.80 -43.25 -11.77
C PRO B 111 9.43 -44.42 -11.04
N THR B 112 9.63 -45.52 -11.77
CA THR B 112 10.25 -46.70 -11.19
C THR B 112 11.77 -46.60 -11.20
N SER B 113 12.34 -45.93 -12.21
CA SER B 113 13.74 -45.63 -12.41
C SER B 113 14.05 -44.22 -11.91
N PRO B 114 15.27 -43.98 -11.42
CA PRO B 114 15.64 -42.62 -10.98
C PRO B 114 15.50 -41.61 -12.11
N THR B 115 14.67 -40.58 -11.86
CA THR B 115 14.27 -39.54 -12.79
C THR B 115 14.93 -38.21 -12.42
N PRO B 116 15.40 -37.43 -13.41
CA PRO B 116 16.03 -36.15 -13.09
C PRO B 116 15.10 -35.21 -12.33
N VAL B 117 15.71 -34.35 -11.52
CA VAL B 117 14.99 -33.47 -10.60
C VAL B 117 15.28 -32.02 -10.98
N LEU B 118 14.22 -31.24 -11.15
CA LEU B 118 14.32 -29.79 -11.30
C LEU B 118 13.94 -29.14 -9.97
N VAL B 119 14.77 -28.21 -9.51
CA VAL B 119 14.53 -27.51 -8.25
C VAL B 119 14.34 -26.03 -8.54
N TRP B 120 13.18 -25.50 -8.18
CA TRP B 120 12.83 -24.11 -8.45
C TRP B 120 13.14 -23.23 -7.27
N ILE B 121 13.66 -22.04 -7.57
CA ILE B 121 13.92 -21.01 -6.60
C ILE B 121 13.29 -19.72 -7.08
N TYR B 122 12.42 -19.15 -6.28
CA TYR B 122 11.68 -17.94 -6.61
C TYR B 122 12.45 -16.64 -6.50
N GLY B 123 12.00 -15.67 -7.27
CA GLY B 123 12.54 -14.35 -7.30
C GLY B 123 11.75 -13.36 -6.50
N GLY B 124 12.14 -12.11 -6.54
CA GLY B 124 11.50 -11.03 -5.82
C GLY B 124 12.37 -10.17 -4.96
N GLY B 125 13.58 -9.92 -5.42
CA GLY B 125 14.53 -9.03 -4.82
C GLY B 125 15.00 -9.36 -3.47
N PHE B 126 14.76 -10.57 -3.08
CA PHE B 126 15.12 -11.10 -1.79
C PHE B 126 14.22 -10.51 -0.74
N TYR B 127 13.19 -9.79 -1.14
CA TYR B 127 12.27 -9.17 -0.20
C TYR B 127 10.87 -9.76 -0.27
N SER B 128 10.60 -10.64 -1.22
CA SER B 128 9.27 -11.20 -1.40
C SER B 128 9.40 -12.51 -2.17
N GLY B 129 8.26 -13.17 -2.37
CA GLY B 129 8.23 -14.41 -3.12
C GLY B 129 7.68 -15.59 -2.33
N ALA B 130 7.13 -16.56 -3.05
CA ALA B 130 6.56 -17.75 -2.42
C ALA B 130 6.46 -18.86 -3.46
N SER B 131 6.64 -20.10 -2.99
CA SER B 131 6.54 -21.26 -3.87
C SER B 131 5.09 -21.61 -4.21
N SER B 132 4.11 -20.96 -3.58
CA SER B 132 2.71 -21.30 -3.75
C SER B 132 2.02 -20.50 -4.85
N LEU B 133 2.73 -19.60 -5.51
CA LEU B 133 2.11 -18.77 -6.55
C LEU B 133 1.61 -19.64 -7.70
N ASP B 134 0.49 -19.23 -8.30
CA ASP B 134 -0.15 -20.04 -9.33
C ASP B 134 0.77 -20.26 -10.52
N VAL B 135 1.66 -19.29 -10.81
CA VAL B 135 2.55 -19.42 -11.97
C VAL B 135 3.72 -20.35 -11.72
N TYR B 136 3.92 -20.82 -10.49
CA TYR B 136 4.95 -21.80 -10.19
C TYR B 136 4.40 -23.21 -10.08
N ASP B 137 3.17 -23.43 -10.54
CA ASP B 137 2.52 -24.72 -10.44
C ASP B 137 3.23 -25.73 -11.33
N GLY B 138 3.82 -26.75 -10.70
CA GLY B 138 4.60 -27.74 -11.41
C GLY B 138 3.83 -28.92 -11.96
N ARG B 139 2.50 -28.86 -11.98
CA ARG B 139 1.72 -30.01 -12.43
C ARG B 139 1.83 -30.21 -13.94
N PHE B 140 2.08 -29.13 -14.69
CA PHE B 140 2.13 -29.25 -16.15
C PHE B 140 3.52 -29.67 -16.62
N LEU B 141 4.57 -29.17 -15.97
CA LEU B 141 5.92 -29.54 -16.35
C LEU B 141 6.20 -31.00 -16.01
N VAL B 142 5.64 -31.49 -14.91
CA VAL B 142 5.91 -32.86 -14.48
C VAL B 142 5.11 -33.86 -15.32
N GLN B 143 3.86 -33.54 -15.65
CA GLN B 143 3.05 -34.46 -16.44
C GLN B 143 3.60 -34.56 -17.86
N ALA B 144 4.01 -33.44 -18.45
CA ALA B 144 4.40 -33.44 -19.87
C ALA B 144 5.79 -34.03 -20.08
N GLU B 145 6.70 -33.88 -19.11
CA GLU B 145 8.08 -34.30 -19.29
C GLU B 145 8.53 -35.35 -18.28
N ARG B 146 7.65 -35.80 -17.39
CA ARG B 146 7.92 -36.89 -16.46
C ARG B 146 9.21 -36.67 -15.69
N THR B 147 9.40 -35.43 -15.21
CA THR B 147 10.50 -35.08 -14.33
C THR B 147 9.96 -34.81 -12.93
N VAL B 148 10.88 -34.73 -11.97
CA VAL B 148 10.54 -34.45 -10.58
C VAL B 148 10.84 -32.98 -10.30
N LEU B 149 9.83 -32.26 -9.82
CA LEU B 149 9.95 -30.82 -9.57
C LEU B 149 9.90 -30.58 -8.06
N VAL B 150 10.84 -29.76 -7.58
CA VAL B 150 10.94 -29.41 -6.16
C VAL B 150 11.04 -27.90 -6.05
N SER B 151 10.27 -27.32 -5.13
CA SER B 151 10.34 -25.89 -4.88
C SER B 151 10.23 -25.66 -3.38
N MET B 152 11.09 -24.80 -2.85
CA MET B 152 11.12 -24.53 -1.41
C MET B 152 10.78 -23.06 -1.14
N ASN B 153 10.43 -22.79 0.10
CA ASN B 153 10.33 -21.43 0.61
C ASN B 153 11.61 -21.09 1.37
N TYR B 154 12.10 -19.88 1.18
CA TYR B 154 13.23 -19.38 1.94
C TYR B 154 12.90 -18.02 2.51
N ARG B 155 13.51 -17.70 3.64
CA ARG B 155 13.24 -16.44 4.31
C ARG B 155 13.73 -15.28 3.47
N VAL B 156 12.89 -14.25 3.34
CA VAL B 156 13.19 -13.07 2.57
C VAL B 156 13.21 -11.86 3.49
N GLY B 157 13.61 -10.72 2.94
CA GLY B 157 13.64 -9.49 3.70
C GLY B 157 14.65 -9.55 4.84
N ALA B 158 14.31 -8.86 5.93
CA ALA B 158 15.19 -8.84 7.09
C ALA B 158 15.31 -10.22 7.72
N PHE B 159 14.22 -10.98 7.73
CA PHE B 159 14.26 -12.30 8.33
C PHE B 159 15.20 -13.26 7.62
N GLY B 160 15.53 -12.98 6.37
CA GLY B 160 16.42 -13.84 5.62
C GLY B 160 17.80 -13.27 5.38
N PHE B 161 17.93 -11.93 5.42
CA PHE B 161 19.18 -11.33 5.01
C PHE B 161 19.60 -10.11 5.84
N LEU B 162 18.97 -9.85 6.98
CA LEU B 162 19.53 -8.87 7.91
C LEU B 162 20.84 -9.41 8.46
N ALA B 163 21.89 -8.59 8.40
CA ALA B 163 23.23 -9.07 8.71
C ALA B 163 23.96 -8.03 9.55
N LEU B 164 24.38 -8.45 10.74
CA LEU B 164 25.39 -7.74 11.50
C LEU B 164 26.67 -8.56 11.38
N PRO B 165 27.52 -8.25 10.39
CA PRO B 165 28.63 -9.15 10.06
C PRO B 165 29.58 -9.34 11.23
N GLY B 166 30.13 -10.54 11.32
CA GLY B 166 31.01 -10.93 12.41
C GLY B 166 30.29 -11.59 13.57
N SER B 167 29.16 -11.01 13.99
CA SER B 167 28.39 -11.58 15.08
C SER B 167 27.73 -12.88 14.65
N ARG B 168 27.35 -13.67 15.65
CA ARG B 168 26.67 -14.94 15.44
C ARG B 168 25.18 -14.86 15.70
N GLU B 169 24.68 -13.72 16.20
CA GLU B 169 23.24 -13.56 16.40
C GLU B 169 22.53 -13.21 15.10
N ALA B 170 23.20 -12.50 14.20
CA ALA B 170 22.64 -12.14 12.90
C ALA B 170 23.75 -12.27 11.85
N PRO B 171 24.08 -13.50 11.45
CA PRO B 171 25.22 -13.68 10.54
C PRO B 171 24.91 -13.26 9.11
N GLY B 172 23.66 -13.26 8.70
CA GLY B 172 23.30 -12.94 7.33
C GLY B 172 23.31 -14.16 6.43
N ASN B 173 22.70 -13.99 5.25
CA ASN B 173 22.59 -15.02 4.23
C ASN B 173 21.84 -16.25 4.72
N VAL B 174 21.06 -16.14 5.80
CA VAL B 174 20.33 -17.29 6.30
C VAL B 174 19.26 -17.72 5.31
N GLY B 175 18.77 -16.79 4.50
CA GLY B 175 17.84 -17.15 3.44
C GLY B 175 18.49 -17.99 2.36
N LEU B 176 19.78 -17.76 2.10
CA LEU B 176 20.52 -18.65 1.21
C LEU B 176 20.76 -20.00 1.87
N LEU B 177 20.99 -20.01 3.18
CA LEU B 177 21.16 -21.28 3.89
C LEU B 177 19.85 -22.07 3.94
N ASP B 178 18.71 -21.37 3.95
CA ASP B 178 17.43 -22.06 3.84
C ASP B 178 17.36 -22.86 2.55
N GLN B 179 17.75 -22.24 1.43
CA GLN B 179 17.73 -22.93 0.15
C GLN B 179 18.71 -24.10 0.14
N ARG B 180 19.88 -23.92 0.76
CA ARG B 180 20.87 -24.99 0.80
C ARG B 180 20.35 -26.20 1.58
N LEU B 181 19.74 -25.95 2.75
CA LEU B 181 19.17 -27.03 3.53
C LEU B 181 18.11 -27.78 2.73
N ALA B 182 17.29 -27.05 1.97
CA ALA B 182 16.32 -27.70 1.10
C ALA B 182 17.00 -28.53 0.02
N LEU B 183 18.21 -28.13 -0.39
CA LEU B 183 18.95 -28.92 -1.35
C LEU B 183 19.56 -30.17 -0.70
N GLN B 184 20.00 -30.04 0.55
CA GLN B 184 20.42 -31.23 1.30
C GLN B 184 19.25 -32.16 1.54
N TRP B 185 18.06 -31.60 1.76
CA TRP B 185 16.86 -32.42 1.90
C TRP B 185 16.56 -33.18 0.62
N VAL B 186 16.73 -32.54 -0.54
CA VAL B 186 16.52 -33.21 -1.80
C VAL B 186 17.51 -34.36 -1.98
N GLN B 187 18.76 -34.15 -1.56
CA GLN B 187 19.74 -35.22 -1.64
C GLN B 187 19.34 -36.42 -0.81
N GLU B 188 18.81 -36.18 0.40
CA GLU B 188 18.54 -37.26 1.33
C GLU B 188 17.16 -37.90 1.13
N ASN B 189 16.24 -37.24 0.41
CA ASN B 189 14.85 -37.68 0.39
C ASN B 189 14.19 -37.71 -0.98
N VAL B 190 14.80 -37.16 -2.03
CA VAL B 190 14.12 -37.14 -3.32
C VAL B 190 14.02 -38.53 -3.95
N ALA B 191 14.84 -39.47 -3.50
CA ALA B 191 14.75 -40.83 -4.03
C ALA B 191 13.41 -41.48 -3.70
N ALA B 192 12.84 -41.14 -2.54
CA ALA B 192 11.56 -41.70 -2.13
C ALA B 192 10.43 -41.27 -3.07
N PHE B 193 10.61 -40.19 -3.82
CA PHE B 193 9.61 -39.69 -4.75
C PHE B 193 9.88 -40.12 -6.19
N GLY B 194 10.87 -40.99 -6.40
CA GLY B 194 11.24 -41.40 -7.74
C GLY B 194 12.25 -40.51 -8.42
N GLY B 195 12.96 -39.66 -7.67
CA GLY B 195 13.90 -38.73 -8.24
C GLY B 195 15.33 -39.19 -8.13
N ASP B 196 16.15 -38.76 -9.09
CA ASP B 196 17.56 -39.12 -9.14
C ASP B 196 18.36 -38.05 -8.42
N PRO B 197 18.91 -38.32 -7.23
CA PRO B 197 19.72 -37.31 -6.54
C PRO B 197 21.05 -37.01 -7.23
N THR B 198 21.37 -37.71 -8.32
CA THR B 198 22.57 -37.43 -9.09
C THR B 198 22.29 -36.65 -10.36
N SER B 199 21.04 -36.25 -10.60
CA SER B 199 20.66 -35.47 -11.78
C SER B 199 19.73 -34.34 -11.32
N VAL B 200 20.28 -33.41 -10.55
CA VAL B 200 19.52 -32.31 -9.95
C VAL B 200 19.89 -31.03 -10.70
N THR B 201 18.88 -30.34 -11.24
CA THR B 201 19.08 -29.14 -12.03
C THR B 201 18.37 -27.98 -11.34
N LEU B 202 19.16 -27.05 -10.79
CA LEU B 202 18.59 -25.84 -10.21
C LEU B 202 18.15 -24.89 -11.31
N PHE B 203 16.97 -24.30 -11.16
CA PHE B 203 16.56 -23.22 -12.04
C PHE B 203 15.76 -22.20 -11.24
N GLY B 204 16.16 -20.93 -11.36
CA GLY B 204 15.50 -19.84 -10.68
C GLY B 204 15.33 -18.66 -11.61
N GLU B 205 14.66 -17.63 -11.09
CA GLU B 205 14.35 -16.43 -11.87
C GLU B 205 14.57 -15.21 -11.02
N SER B 206 15.09 -14.14 -11.64
CA SER B 206 15.39 -12.89 -10.96
C SER B 206 16.31 -13.13 -9.77
N ALA B 207 15.82 -12.81 -8.57
CA ALA B 207 16.58 -13.09 -7.36
C ALA B 207 16.79 -14.59 -7.16
N GLY B 208 15.92 -15.42 -7.73
CA GLY B 208 16.16 -16.85 -7.71
C GLY B 208 17.35 -17.25 -8.57
N ALA B 209 17.49 -16.61 -9.74
CA ALA B 209 18.67 -16.85 -10.58
C ALA B 209 19.94 -16.37 -9.89
N ALA B 210 19.87 -15.22 -9.21
CA ALA B 210 21.01 -14.77 -8.43
C ALA B 210 21.35 -15.75 -7.31
N SER B 211 20.34 -16.41 -6.74
CA SER B 211 20.60 -17.44 -5.74
C SER B 211 21.23 -18.67 -6.36
N VAL B 212 20.72 -19.09 -7.52
CA VAL B 212 21.31 -20.23 -8.23
C VAL B 212 22.78 -19.98 -8.52
N GLY B 213 23.10 -18.76 -8.98
CA GLY B 213 24.49 -18.43 -9.26
C GLY B 213 25.34 -18.36 -8.00
N MET B 214 24.74 -17.89 -6.90
CA MET B 214 25.48 -17.83 -5.63
C MET B 214 25.73 -19.21 -5.04
N HIS B 215 24.94 -20.21 -5.43
CA HIS B 215 25.23 -21.57 -5.01
C HIS B 215 26.34 -22.19 -5.86
N LEU B 216 26.49 -21.74 -7.11
CA LEU B 216 27.63 -22.16 -7.92
C LEU B 216 28.93 -21.69 -7.30
N LEU B 217 28.94 -20.49 -6.70
CA LEU B 217 30.13 -19.90 -6.14
C LEU B 217 30.35 -20.25 -4.68
N SER B 218 29.51 -21.13 -4.11
CA SER B 218 29.69 -21.57 -2.74
C SER B 218 30.00 -23.06 -2.73
N PRO B 219 31.16 -23.46 -2.22
CA PRO B 219 31.57 -24.88 -2.29
C PRO B 219 30.58 -25.81 -1.60
N PRO B 220 30.09 -25.51 -0.39
CA PRO B 220 29.16 -26.45 0.24
C PRO B 220 27.88 -26.65 -0.55
N SER B 221 27.42 -25.63 -1.27
CA SER B 221 26.19 -25.77 -2.05
C SER B 221 26.46 -26.41 -3.41
N ARG B 222 27.69 -26.29 -3.92
CA ARG B 222 28.00 -26.79 -5.25
C ARG B 222 27.83 -28.31 -5.34
N GLY B 223 28.15 -29.03 -4.27
CA GLY B 223 28.05 -30.48 -4.29
C GLY B 223 26.63 -31.01 -4.28
N LEU B 224 25.63 -30.15 -4.11
CA LEU B 224 24.25 -30.56 -3.97
C LEU B 224 23.47 -30.52 -5.27
N PHE B 225 24.09 -30.11 -6.38
CA PHE B 225 23.42 -30.06 -7.66
C PHE B 225 24.46 -30.19 -8.76
N HIS B 226 23.96 -30.34 -9.99
CA HIS B 226 24.81 -30.67 -11.13
C HIS B 226 24.64 -29.76 -12.34
N ARG B 227 23.48 -29.11 -12.49
CA ARG B 227 23.27 -28.15 -13.56
C ARG B 227 22.60 -26.91 -12.98
N ALA B 228 22.63 -25.83 -13.75
CA ALA B 228 22.09 -24.55 -13.30
C ALA B 228 21.39 -23.84 -14.44
N VAL B 229 20.27 -23.20 -14.13
CA VAL B 229 19.54 -22.37 -15.09
C VAL B 229 19.28 -21.03 -14.41
N LEU B 230 19.71 -19.94 -15.04
CA LEU B 230 19.59 -18.59 -14.50
C LEU B 230 18.76 -17.77 -15.47
N GLN B 231 17.52 -17.45 -15.07
CA GLN B 231 16.58 -16.73 -15.91
C GLN B 231 16.46 -15.29 -15.39
N SER B 232 16.96 -14.34 -16.18
CA SER B 232 16.79 -12.91 -15.91
C SER B 232 17.37 -12.54 -14.54
N GLY B 233 18.58 -13.01 -14.27
CA GLY B 233 19.23 -12.72 -13.01
C GLY B 233 20.59 -13.39 -12.95
N ALA B 234 21.43 -12.86 -12.08
CA ALA B 234 22.79 -13.33 -11.91
C ALA B 234 23.33 -12.84 -10.57
N PRO B 235 24.25 -13.58 -9.95
CA PRO B 235 24.78 -13.14 -8.65
C PRO B 235 25.61 -11.88 -8.72
N ASN B 236 26.20 -11.56 -9.87
CA ASN B 236 27.07 -10.40 -9.99
C ASN B 236 26.31 -9.10 -10.28
N GLY B 237 24.99 -9.13 -10.26
CA GLY B 237 24.20 -7.94 -10.48
C GLY B 237 24.45 -6.89 -9.43
N PRO B 238 24.26 -5.61 -9.78
CA PRO B 238 24.51 -4.53 -8.81
C PRO B 238 23.51 -4.51 -7.66
N TRP B 239 22.42 -5.25 -7.75
CA TRP B 239 21.38 -5.28 -6.73
C TRP B 239 21.42 -6.53 -5.86
N ALA B 240 22.20 -7.54 -6.24
CA ALA B 240 22.12 -8.85 -5.62
C ALA B 240 23.03 -9.03 -4.41
N THR B 241 23.95 -8.10 -4.17
CA THR B 241 24.88 -8.22 -3.05
C THR B 241 25.06 -6.86 -2.39
N VAL B 242 25.60 -6.90 -1.17
CA VAL B 242 25.87 -5.71 -0.40
C VAL B 242 27.12 -5.95 0.44
N GLY B 243 27.86 -4.87 0.73
CA GLY B 243 29.05 -4.98 1.55
C GLY B 243 28.72 -5.13 3.02
N MET B 244 29.76 -5.43 3.81
CA MET B 244 29.57 -5.61 5.25
C MET B 244 29.23 -4.30 5.94
N GLY B 245 29.94 -3.22 5.57
CA GLY B 245 29.70 -1.95 6.22
C GLY B 245 28.30 -1.42 5.96
N GLU B 246 27.79 -1.61 4.74
CA GLU B 246 26.45 -1.14 4.42
C GLU B 246 25.39 -2.03 5.05
N ALA B 247 25.63 -3.35 5.09
CA ALA B 247 24.69 -4.26 5.74
C ALA B 247 24.56 -3.94 7.22
N ARG B 248 25.66 -3.54 7.87
CA ARG B 248 25.59 -3.13 9.26
C ARG B 248 24.82 -1.83 9.42
N ARG B 249 24.99 -0.89 8.46
CA ARG B 249 24.27 0.37 8.54
C ARG B 249 22.78 0.16 8.40
N ARG B 250 22.36 -0.69 7.45
CA ARG B 250 20.94 -0.91 7.23
C ARG B 250 20.31 -1.66 8.39
N ALA B 251 21.01 -2.66 8.93
CA ALA B 251 20.48 -3.40 10.08
C ALA B 251 20.34 -2.50 11.29
N THR B 252 21.34 -1.65 11.54
CA THR B 252 21.26 -0.70 12.64
C THR B 252 20.13 0.31 12.42
N GLN B 253 19.94 0.73 11.17
CA GLN B 253 18.89 1.69 10.88
C GLN B 253 17.50 1.10 11.11
N LEU B 254 17.30 -0.15 10.68
CA LEU B 254 16.02 -0.81 10.92
C LEU B 254 15.75 -0.95 12.41
N ALA B 255 16.78 -1.26 13.20
CA ALA B 255 16.61 -1.34 14.65
C ALA B 255 16.19 -0.01 15.23
N HIS B 256 16.75 1.09 14.71
CA HIS B 256 16.38 2.41 15.19
C HIS B 256 14.92 2.72 14.87
N LEU B 257 14.45 2.31 13.70
CA LEU B 257 13.09 2.64 13.28
C LEU B 257 12.05 1.92 14.12
N VAL B 258 12.39 0.76 14.69
CA VAL B 258 11.48 0.01 15.54
C VAL B 258 11.75 0.22 17.02
N GLY B 259 12.71 1.06 17.37
CA GLY B 259 12.96 1.38 18.76
C GLY B 259 14.05 0.57 19.42
N CYS B 260 15.14 0.30 18.69
CA CYS B 260 16.25 -0.46 19.22
C CYS B 260 17.55 0.27 18.92
N PRO B 261 18.43 0.47 19.91
CA PRO B 261 18.23 0.08 21.31
C PRO B 261 17.33 1.04 22.06
N PRO B 262 16.59 0.54 23.04
CA PRO B 262 15.58 1.38 23.72
C PRO B 262 16.21 2.26 24.80
N GLY B 263 15.89 3.55 24.76
CA GLY B 263 16.27 4.45 25.83
C GLY B 263 17.75 4.72 25.97
N GLY B 264 18.55 4.43 24.95
CA GLY B 264 19.97 4.72 24.99
C GLY B 264 20.84 3.66 25.65
N THR B 265 20.37 2.41 25.70
CA THR B 265 21.20 1.34 26.23
C THR B 265 22.25 0.93 25.20
N GLY B 266 23.01 -0.11 25.54
CA GLY B 266 24.12 -0.51 24.69
C GLY B 266 23.67 -0.92 23.30
N GLY B 267 24.55 -0.74 22.33
CA GLY B 267 24.23 -1.01 20.95
C GLY B 267 25.09 -2.08 20.30
N ASN B 268 25.80 -2.86 21.10
CA ASN B 268 26.54 -3.99 20.55
C ASN B 268 25.57 -5.02 19.97
N ASP B 269 26.08 -5.80 19.02
CA ASP B 269 25.22 -6.65 18.19
C ASP B 269 24.39 -7.64 19.00
N THR B 270 24.80 -7.96 20.24
CA THR B 270 24.02 -8.89 21.04
C THR B 270 22.73 -8.25 21.52
N GLU B 271 22.82 -7.07 22.14
CA GLU B 271 21.64 -6.39 22.66
C GLU B 271 20.78 -5.81 21.55
N LEU B 272 21.34 -5.59 20.36
CA LEU B 272 20.54 -5.06 19.26
C LEU B 272 19.67 -6.15 18.65
N VAL B 273 20.24 -7.32 18.38
CA VAL B 273 19.48 -8.42 17.81
C VAL B 273 18.43 -8.92 18.81
N ALA B 274 18.79 -8.97 20.10
CA ALA B 274 17.82 -9.36 21.11
C ALA B 274 16.63 -8.40 21.14
N CYS B 275 16.88 -7.12 20.90
CA CYS B 275 15.79 -6.16 20.82
C CYS B 275 14.98 -6.36 19.55
N LEU B 276 15.63 -6.74 18.45
CA LEU B 276 14.90 -7.00 17.21
C LEU B 276 14.06 -8.27 17.31
N ARG B 277 14.46 -9.23 18.14
CA ARG B 277 13.73 -10.48 18.24
C ARG B 277 12.43 -10.34 19.02
N THR B 278 12.28 -9.25 19.80
CA THR B 278 11.06 -9.03 20.56
C THR B 278 9.98 -8.31 19.78
N ARG B 279 10.28 -7.83 18.57
CA ARG B 279 9.33 -7.07 17.77
C ARG B 279 8.47 -8.02 16.94
N PRO B 280 7.19 -7.69 16.76
CA PRO B 280 6.35 -8.47 15.84
C PRO B 280 6.92 -8.43 14.43
N ALA B 281 6.66 -9.50 13.67
CA ALA B 281 7.22 -9.61 12.33
C ALA B 281 6.72 -8.50 11.42
N GLN B 282 5.45 -8.13 11.54
CA GLN B 282 4.89 -7.09 10.68
C GLN B 282 5.52 -5.73 10.94
N VAL B 283 5.98 -5.49 12.18
CA VAL B 283 6.61 -4.22 12.50
C VAL B 283 7.91 -4.07 11.72
N LEU B 284 8.72 -5.13 11.68
CA LEU B 284 9.96 -5.08 10.91
C LEU B 284 9.70 -4.88 9.43
N VAL B 285 8.65 -5.53 8.92
CA VAL B 285 8.33 -5.40 7.50
C VAL B 285 7.87 -3.98 7.17
N ASN B 286 7.12 -3.35 8.08
CA ASN B 286 6.57 -2.03 7.82
C ASN B 286 7.64 -0.94 7.71
N HIS B 287 8.89 -1.23 8.08
CA HIS B 287 9.96 -0.25 7.99
C HIS B 287 11.10 -0.72 7.10
N GLU B 288 10.83 -1.69 6.21
CA GLU B 288 11.91 -2.28 5.41
C GLU B 288 12.46 -1.28 4.39
N TRP B 289 11.58 -0.54 3.73
CA TRP B 289 11.96 0.37 2.66
C TRP B 289 12.37 1.75 3.18
N HIS B 290 12.61 1.88 4.49
CA HIS B 290 13.10 3.13 5.06
C HIS B 290 14.61 3.16 5.24
N VAL B 291 15.27 2.00 5.36
CA VAL B 291 16.72 1.97 5.54
C VAL B 291 17.47 2.36 4.28
N LEU B 292 16.75 2.65 3.16
CA LEU B 292 17.31 3.13 1.91
C LEU B 292 16.89 4.57 1.64
N PRO B 293 17.68 5.35 0.90
CA PRO B 293 17.26 6.74 0.62
C PRO B 293 16.00 6.84 -0.23
N GLN B 294 15.92 6.06 -1.32
CA GLN B 294 14.74 5.99 -2.17
C GLN B 294 14.40 7.32 -2.84
N GLU B 295 15.00 7.64 -3.99
CA GLU B 295 16.24 7.07 -4.60
C GLU B 295 16.37 5.57 -4.85
N SER B 296 15.28 4.85 -5.10
CA SER B 296 15.41 3.40 -5.22
C SER B 296 14.26 2.83 -6.04
N VAL B 297 14.54 2.53 -7.29
CA VAL B 297 14.03 1.32 -7.94
C VAL B 297 15.24 0.42 -8.11
N PHE B 298 15.05 -0.86 -8.05
CA PHE B 298 16.18 -1.75 -8.21
C PHE B 298 17.21 -1.77 -7.15
N ARG B 299 16.88 -1.26 -6.01
CA ARG B 299 17.77 -1.35 -4.85
C ARG B 299 16.96 -1.84 -3.66
N PHE B 300 17.38 -2.96 -3.09
CA PHE B 300 16.62 -3.65 -2.07
C PHE B 300 17.39 -3.64 -0.74
N SER B 301 16.63 -3.58 0.36
CA SER B 301 17.22 -3.31 1.66
C SER B 301 18.12 -4.45 2.12
N PHE B 302 17.60 -5.67 2.12
CA PHE B 302 18.32 -6.81 2.69
C PHE B 302 18.54 -7.85 1.61
N VAL B 303 19.80 -8.01 1.20
CA VAL B 303 20.20 -8.91 0.13
C VAL B 303 21.41 -9.71 0.64
N PRO B 304 21.88 -10.73 -0.09
CA PRO B 304 23.08 -11.45 0.38
C PRO B 304 24.27 -10.52 0.58
N VAL B 305 25.00 -10.77 1.66
CA VAL B 305 26.15 -9.95 2.04
C VAL B 305 27.42 -10.74 1.76
N VAL B 306 28.51 -10.02 1.51
CA VAL B 306 29.81 -10.62 1.30
C VAL B 306 30.52 -10.74 2.65
N ASP B 307 30.06 -11.68 3.48
CA ASP B 307 30.62 -11.83 4.82
C ASP B 307 31.98 -12.49 4.82
N GLY B 308 32.32 -13.24 3.76
CA GLY B 308 33.49 -14.08 3.75
C GLY B 308 33.20 -15.52 4.11
N ASP B 309 31.96 -15.84 4.46
CA ASP B 309 31.55 -17.19 4.85
C ASP B 309 30.88 -17.89 3.68
N PHE B 310 29.61 -17.59 3.43
CA PHE B 310 28.91 -18.16 2.28
C PHE B 310 29.61 -17.80 0.97
N LEU B 311 30.14 -16.58 0.89
CA LEU B 311 30.89 -16.12 -0.27
C LEU B 311 32.25 -15.65 0.21
N SER B 312 33.29 -16.41 -0.11
CA SER B 312 34.64 -16.06 0.31
C SER B 312 35.11 -14.74 -0.29
N ASP B 313 34.51 -14.31 -1.40
CA ASP B 313 34.82 -13.03 -2.01
C ASP B 313 33.58 -12.53 -2.73
N THR B 314 33.71 -11.41 -3.43
CA THR B 314 32.60 -10.89 -4.20
C THR B 314 32.23 -11.89 -5.30
N PRO B 315 30.98 -11.88 -5.76
CA PRO B 315 30.62 -12.75 -6.89
C PRO B 315 31.47 -12.53 -8.12
N GLU B 316 31.79 -11.27 -8.45
CA GLU B 316 32.60 -11.01 -9.65
C GLU B 316 33.99 -11.61 -9.51
N ALA B 317 34.56 -11.58 -8.31
CA ALA B 317 35.88 -12.17 -8.10
C ALA B 317 35.83 -13.69 -8.22
N LEU B 318 34.79 -14.32 -7.67
CA LEU B 318 34.68 -15.78 -7.72
C LEU B 318 34.36 -16.27 -9.12
N ILE B 319 33.65 -15.47 -9.92
CA ILE B 319 33.36 -15.86 -11.29
C ILE B 319 34.62 -15.79 -12.15
N ASN B 320 35.44 -14.76 -11.94
CA ASN B 320 36.64 -14.59 -12.76
C ASN B 320 37.71 -15.62 -12.44
N ALA B 321 37.72 -16.15 -11.21
CA ALA B 321 38.74 -17.11 -10.80
C ALA B 321 38.21 -18.54 -10.73
N GLY B 322 37.02 -18.79 -11.28
CA GLY B 322 36.37 -20.08 -11.09
C GLY B 322 36.69 -21.08 -12.19
N ASP B 323 36.81 -22.34 -11.79
CA ASP B 323 36.92 -23.47 -12.71
C ASP B 323 35.56 -24.13 -12.82
N PHE B 324 35.03 -24.19 -14.04
CA PHE B 324 33.66 -24.64 -14.26
C PHE B 324 33.56 -25.84 -15.20
N HIS B 325 34.63 -26.63 -15.30
CA HIS B 325 34.56 -27.83 -16.12
C HIS B 325 33.62 -28.85 -15.49
N GLY B 326 32.83 -29.52 -16.33
CA GLY B 326 31.82 -30.44 -15.87
C GLY B 326 30.49 -29.80 -15.53
N LEU B 327 30.31 -28.52 -15.80
CA LEU B 327 29.09 -27.79 -15.48
C LEU B 327 28.38 -27.39 -16.75
N GLN B 328 27.05 -27.52 -16.75
CA GLN B 328 26.20 -27.06 -17.83
C GLN B 328 25.26 -25.99 -17.28
N VAL B 329 25.17 -24.86 -17.98
CA VAL B 329 24.37 -23.72 -17.55
C VAL B 329 23.45 -23.30 -18.69
N LEU B 330 22.22 -22.90 -18.34
CA LEU B 330 21.27 -22.33 -19.28
C LEU B 330 20.90 -20.94 -18.77
N VAL B 331 21.38 -19.92 -19.48
CA VAL B 331 21.12 -18.53 -19.10
C VAL B 331 20.23 -17.88 -20.15
N GLY B 332 19.57 -16.80 -19.75
CA GLY B 332 18.71 -16.08 -20.68
C GLY B 332 18.05 -14.91 -20.00
N VAL B 333 17.40 -14.09 -20.83
CA VAL B 333 16.71 -12.87 -20.41
C VAL B 333 15.45 -12.74 -21.24
N VAL B 334 14.60 -11.78 -20.87
CA VAL B 334 13.42 -11.45 -21.65
C VAL B 334 13.74 -10.26 -22.54
N LYS B 335 12.85 -9.96 -23.49
CA LYS B 335 13.13 -8.94 -24.48
C LYS B 335 13.15 -7.55 -23.88
N ASP B 336 12.32 -7.28 -22.86
CA ASP B 336 12.20 -5.95 -22.25
C ASP B 336 12.32 -6.12 -20.74
N GLU B 337 13.56 -6.26 -20.26
CA GLU B 337 13.78 -6.52 -18.84
C GLU B 337 13.39 -5.33 -17.98
N GLY B 338 13.70 -4.11 -18.42
CA GLY B 338 13.59 -2.95 -17.55
C GLY B 338 12.24 -2.28 -17.50
N SER B 339 11.32 -2.64 -18.40
CA SER B 339 10.04 -1.92 -18.46
C SER B 339 9.18 -2.16 -17.23
N TYR B 340 9.28 -3.34 -16.62
CA TYR B 340 8.48 -3.64 -15.44
C TYR B 340 8.82 -2.74 -14.27
N PHE B 341 10.08 -2.30 -14.18
CA PHE B 341 10.57 -1.58 -13.02
C PHE B 341 10.44 -0.07 -13.16
N LEU B 342 10.04 0.44 -14.32
CA LEU B 342 9.97 1.88 -14.50
C LEU B 342 8.75 2.48 -13.81
N VAL B 343 7.70 1.69 -13.63
CA VAL B 343 6.45 2.21 -13.09
C VAL B 343 6.57 2.31 -11.57
N TYR B 344 7.75 1.97 -11.06
CA TYR B 344 7.98 1.98 -9.63
C TYR B 344 8.74 3.22 -9.16
N GLY B 345 8.70 4.31 -9.92
CA GLY B 345 9.32 5.53 -9.46
C GLY B 345 10.01 6.34 -10.52
N ALA B 346 10.10 5.82 -11.74
CA ALA B 346 10.70 6.59 -12.82
C ALA B 346 9.73 7.69 -13.24
N PRO B 347 10.16 8.95 -13.24
CA PRO B 347 9.21 10.06 -13.49
C PRO B 347 8.62 9.99 -14.89
N GLY B 348 7.32 10.28 -14.97
CA GLY B 348 6.61 10.27 -16.23
C GLY B 348 6.02 8.93 -16.62
N PHE B 349 6.31 7.86 -15.87
CA PHE B 349 5.90 6.52 -16.23
C PHE B 349 4.63 6.12 -15.48
N SER B 350 3.71 5.47 -16.19
CA SER B 350 2.46 4.99 -15.63
C SER B 350 1.94 3.88 -16.53
N LYS B 351 1.50 2.77 -15.93
CA LYS B 351 1.02 1.64 -16.72
C LYS B 351 -0.30 1.95 -17.42
N ASP B 352 -0.98 3.04 -17.04
CA ASP B 352 -2.28 3.37 -17.59
C ASP B 352 -2.23 4.42 -18.69
N ASN B 353 -1.05 4.92 -19.05
CA ASN B 353 -0.93 5.71 -20.28
C ASN B 353 0.21 5.22 -21.16
N GLU B 354 0.67 6.05 -22.10
CA GLU B 354 1.70 5.61 -23.02
C GLU B 354 3.11 5.82 -22.50
N SER B 355 3.28 6.50 -21.37
CA SER B 355 4.61 6.74 -20.79
C SER B 355 5.56 7.40 -21.78
N LEU B 356 5.05 8.38 -22.51
CA LEU B 356 5.85 9.15 -23.46
C LEU B 356 6.59 10.23 -22.68
N ILE B 357 7.79 9.90 -22.22
CA ILE B 357 8.53 10.76 -21.30
C ILE B 357 9.27 11.85 -22.07
N SER B 358 9.53 12.96 -21.38
CA SER B 358 10.25 14.07 -21.96
C SER B 358 11.76 13.83 -21.88
N ARG B 359 12.52 14.78 -22.42
CA ARG B 359 13.98 14.70 -22.32
C ARG B 359 14.44 14.83 -20.88
N ALA B 360 13.85 15.75 -20.12
CA ALA B 360 14.25 15.94 -18.73
C ALA B 360 13.87 14.74 -17.88
N GLU B 361 12.74 14.10 -18.18
CA GLU B 361 12.35 12.92 -17.42
C GLU B 361 13.29 11.74 -17.69
N PHE B 362 13.79 11.64 -18.93
CA PHE B 362 14.77 10.60 -19.22
C PHE B 362 16.06 10.83 -18.45
N LEU B 363 16.51 12.09 -18.37
CA LEU B 363 17.73 12.39 -17.63
C LEU B 363 17.58 12.10 -16.14
N ALA B 364 16.37 12.27 -15.60
CA ALA B 364 16.14 11.94 -14.20
C ALA B 364 15.91 10.44 -14.00
N GLY B 365 15.31 9.77 -14.97
CA GLY B 365 15.09 8.33 -14.84
C GLY B 365 16.37 7.53 -14.82
N VAL B 366 17.41 8.03 -15.49
CA VAL B 366 18.72 7.37 -15.45
C VAL B 366 19.26 7.38 -14.03
N ARG B 367 18.87 8.36 -13.22
CA ARG B 367 19.36 8.47 -11.85
C ARG B 367 18.75 7.42 -10.94
N VAL B 368 17.46 7.12 -11.11
CA VAL B 368 16.83 6.10 -10.28
C VAL B 368 17.10 4.70 -10.83
N GLY B 369 17.27 4.57 -12.15
CA GLY B 369 17.61 3.28 -12.71
C GLY B 369 19.05 2.89 -12.44
N VAL B 370 19.97 3.85 -12.52
CA VAL B 370 21.37 3.62 -12.20
C VAL B 370 21.72 4.48 -11.00
N PRO B 371 21.44 4.02 -9.78
CA PRO B 371 21.68 4.86 -8.61
C PRO B 371 23.12 4.75 -8.13
N GLN B 372 23.44 5.61 -7.16
CA GLN B 372 24.76 5.63 -6.52
C GLN B 372 25.88 5.78 -7.56
N VAL B 373 25.63 6.60 -8.56
CA VAL B 373 26.56 6.80 -9.68
C VAL B 373 26.95 8.27 -9.73
N SER B 374 28.16 8.52 -10.23
CA SER B 374 28.65 9.88 -10.31
C SER B 374 27.91 10.65 -11.40
N ASP B 375 27.89 11.98 -11.25
CA ASP B 375 27.16 12.83 -12.18
C ASP B 375 27.72 12.75 -13.59
N LEU B 376 29.04 12.57 -13.72
CA LEU B 376 29.64 12.43 -15.04
C LEU B 376 29.39 11.05 -15.62
N ALA B 377 29.37 10.01 -14.79
CA ALA B 377 29.08 8.67 -15.29
C ALA B 377 27.64 8.56 -15.78
N ALA B 378 26.71 9.26 -15.11
CA ALA B 378 25.33 9.28 -15.58
C ALA B 378 25.22 9.94 -16.95
N GLU B 379 26.15 10.85 -17.27
CA GLU B 379 26.13 11.49 -18.58
C GLU B 379 26.58 10.53 -19.68
N ALA B 380 27.60 9.72 -19.41
CA ALA B 380 28.03 8.73 -20.39
C ALA B 380 26.92 7.74 -20.71
N VAL B 381 26.05 7.47 -19.74
CA VAL B 381 24.88 6.65 -20.00
C VAL B 381 23.94 7.36 -20.98
N VAL B 382 23.75 8.66 -20.80
CA VAL B 382 22.88 9.42 -21.69
C VAL B 382 23.46 9.47 -23.09
N LEU B 383 24.78 9.63 -23.21
CA LEU B 383 25.41 9.61 -24.53
C LEU B 383 25.17 8.26 -25.21
N HIS B 384 25.41 7.17 -24.50
CA HIS B 384 25.38 5.85 -25.13
C HIS B 384 23.98 5.44 -25.54
N TYR B 385 22.96 5.93 -24.85
CA TYR B 385 21.59 5.49 -25.09
C TYR B 385 20.72 6.54 -25.78
N THR B 386 21.28 7.69 -26.13
CA THR B 386 20.56 8.70 -26.89
C THR B 386 20.75 8.46 -28.38
N ASP B 387 19.65 8.45 -29.12
CA ASP B 387 19.69 8.58 -30.58
C ASP B 387 19.71 10.06 -30.90
N TRP B 388 20.81 10.52 -31.49
CA TRP B 388 20.99 11.94 -31.72
C TRP B 388 20.34 12.44 -33.00
N LEU B 389 19.79 11.54 -33.82
CA LEU B 389 18.90 11.97 -34.89
C LEU B 389 17.50 12.27 -34.38
N HIS B 390 17.12 11.64 -33.27
CA HIS B 390 15.83 11.88 -32.63
C HIS B 390 16.04 11.94 -31.12
N PRO B 391 16.75 12.97 -30.64
CA PRO B 391 17.06 13.05 -29.20
C PRO B 391 15.88 13.46 -28.33
N GLU B 392 14.72 13.76 -28.92
CA GLU B 392 13.57 14.23 -28.17
C GLU B 392 12.34 13.37 -28.35
N ASP B 393 12.39 12.35 -29.21
CA ASP B 393 11.26 11.46 -29.44
C ASP B 393 10.90 10.73 -28.15
N PRO B 394 9.72 11.00 -27.58
CA PRO B 394 9.39 10.36 -26.29
C PRO B 394 9.31 8.85 -26.35
N ALA B 395 8.84 8.30 -27.48
CA ALA B 395 8.76 6.86 -27.61
C ALA B 395 10.15 6.23 -27.60
N ARG B 396 11.11 6.84 -28.30
CA ARG B 396 12.47 6.32 -28.28
C ARG B 396 13.13 6.52 -26.92
N LEU B 397 12.85 7.65 -26.26
CA LEU B 397 13.38 7.85 -24.92
C LEU B 397 12.80 6.86 -23.92
N ARG B 398 11.54 6.47 -24.11
CA ARG B 398 10.92 5.48 -23.24
C ARG B 398 11.65 4.15 -23.33
N GLU B 399 11.83 3.63 -24.55
CA GLU B 399 12.54 2.38 -24.74
C GLU B 399 14.03 2.51 -24.41
N ALA B 400 14.57 3.73 -24.46
CA ALA B 400 15.97 3.92 -24.09
C ALA B 400 16.17 3.74 -22.60
N LEU B 401 15.34 4.39 -21.78
CA LEU B 401 15.44 4.22 -20.33
C LEU B 401 15.14 2.78 -19.92
N SER B 402 14.24 2.11 -20.64
CA SER B 402 14.01 0.69 -20.40
C SER B 402 15.28 -0.12 -20.65
N ASP B 403 16.03 0.22 -21.70
CA ASP B 403 17.28 -0.47 -21.95
C ASP B 403 18.33 -0.12 -20.90
N VAL B 404 18.39 1.15 -20.49
CA VAL B 404 19.35 1.57 -19.47
C VAL B 404 19.18 0.73 -18.21
N VAL B 405 17.94 0.58 -17.76
CA VAL B 405 17.67 -0.18 -16.53
C VAL B 405 17.82 -1.67 -16.77
N GLY B 406 17.36 -2.16 -17.92
CA GLY B 406 17.44 -3.59 -18.19
C GLY B 406 18.86 -4.08 -18.41
N ASP B 407 19.68 -3.28 -19.11
CA ASP B 407 21.05 -3.68 -19.36
C ASP B 407 21.89 -3.62 -18.10
N HIS B 408 21.78 -2.53 -17.35
CA HIS B 408 22.64 -2.35 -16.17
C HIS B 408 22.34 -3.37 -15.09
N ASN B 409 21.08 -3.79 -14.96
CA ASN B 409 20.67 -4.62 -13.83
C ASN B 409 20.54 -6.11 -14.16
N VAL B 410 20.26 -6.47 -15.42
CA VAL B 410 19.97 -7.86 -15.73
C VAL B 410 20.85 -8.37 -16.88
N VAL B 411 20.67 -7.80 -18.07
CA VAL B 411 21.21 -8.41 -19.28
C VAL B 411 22.73 -8.44 -19.25
N CYS B 412 23.36 -7.34 -18.86
CA CYS B 412 24.82 -7.28 -18.90
C CYS B 412 25.47 -8.03 -17.75
N PRO B 413 24.92 -8.01 -16.53
CA PRO B 413 25.42 -8.95 -15.51
C PRO B 413 25.26 -10.40 -15.91
N VAL B 414 24.21 -10.73 -16.67
CA VAL B 414 24.03 -12.10 -17.14
C VAL B 414 25.04 -12.44 -18.23
N ALA B 415 25.21 -11.53 -19.20
CA ALA B 415 26.15 -11.79 -20.29
C ALA B 415 27.58 -11.86 -19.78
N GLN B 416 27.94 -10.99 -18.83
CA GLN B 416 29.27 -11.06 -18.21
C GLN B 416 29.50 -12.42 -17.57
N LEU B 417 28.49 -12.92 -16.86
CA LEU B 417 28.60 -14.24 -16.24
C LEU B 417 28.66 -15.34 -17.28
N ALA B 418 27.77 -15.28 -18.28
CA ALA B 418 27.70 -16.33 -19.29
C ALA B 418 29.00 -16.44 -20.07
N GLY B 419 29.63 -15.30 -20.39
CA GLY B 419 30.88 -15.33 -21.12
C GLY B 419 32.01 -15.91 -20.30
N ARG B 420 32.07 -15.59 -19.01
CA ARG B 420 33.15 -16.11 -18.17
C ARG B 420 32.99 -17.61 -17.93
N LEU B 421 31.75 -18.10 -17.83
CA LEU B 421 31.53 -19.53 -17.61
C LEU B 421 32.00 -20.34 -18.82
N ALA B 422 31.59 -19.94 -20.02
CA ALA B 422 31.94 -20.70 -21.22
C ALA B 422 33.44 -20.67 -21.48
N ALA B 423 34.11 -19.57 -21.10
CA ALA B 423 35.54 -19.46 -21.32
C ALA B 423 36.38 -20.18 -20.27
N GLN B 424 35.75 -20.69 -19.21
CA GLN B 424 36.47 -21.30 -18.10
C GLN B 424 35.98 -22.73 -17.83
N GLY B 425 35.43 -23.39 -18.84
CA GLY B 425 35.12 -24.80 -18.77
C GLY B 425 33.65 -25.16 -18.83
N ALA B 426 32.77 -24.24 -18.48
CA ALA B 426 31.35 -24.54 -18.45
C ALA B 426 30.77 -24.59 -19.86
N ARG B 427 29.77 -25.45 -20.04
CA ARG B 427 28.98 -25.51 -21.26
C ARG B 427 27.74 -24.66 -21.07
N VAL B 428 27.60 -23.60 -21.87
CA VAL B 428 26.59 -22.57 -21.65
C VAL B 428 25.69 -22.49 -22.88
N TYR B 429 24.38 -22.45 -22.63
CA TYR B 429 23.38 -22.15 -23.65
C TYR B 429 22.64 -20.89 -23.26
N ALA B 430 22.39 -20.02 -24.23
CA ALA B 430 21.79 -18.72 -23.97
C ALA B 430 20.52 -18.56 -24.82
N TYR B 431 19.56 -17.81 -24.28
CA TYR B 431 18.31 -17.54 -24.97
C TYR B 431 17.88 -16.10 -24.69
N VAL B 432 16.91 -15.64 -25.49
CA VAL B 432 16.22 -14.38 -25.26
C VAL B 432 14.74 -14.61 -25.51
N PHE B 433 13.92 -14.50 -24.46
CA PHE B 433 12.49 -14.76 -24.57
C PHE B 433 11.82 -13.55 -25.21
N GLU B 434 11.12 -13.77 -26.33
CA GLU B 434 10.60 -12.67 -27.12
C GLU B 434 9.10 -12.80 -27.41
N HIS B 435 8.39 -13.65 -26.69
CA HIS B 435 6.94 -13.79 -26.87
C HIS B 435 6.21 -13.07 -25.75
N ARG B 436 5.29 -12.20 -26.13
CA ARG B 436 4.42 -11.51 -25.19
C ARG B 436 3.10 -12.26 -25.12
N ALA B 437 2.70 -12.68 -23.92
CA ALA B 437 1.51 -13.49 -23.75
C ALA B 437 0.27 -12.73 -24.20
N SER B 438 -0.65 -13.44 -24.85
CA SER B 438 -1.90 -12.85 -25.32
C SER B 438 -2.83 -12.46 -24.19
N THR B 439 -2.55 -12.89 -22.96
CA THR B 439 -3.37 -12.57 -21.80
C THR B 439 -2.69 -11.61 -20.84
N LEU B 440 -1.59 -10.98 -21.26
CA LEU B 440 -0.82 -10.12 -20.36
C LEU B 440 -1.58 -8.82 -20.08
N SER B 441 -1.68 -8.47 -18.80
CA SER B 441 -2.43 -7.30 -18.37
C SER B 441 -1.59 -6.02 -18.35
N TRP B 442 -0.26 -6.13 -18.42
CA TRP B 442 0.58 -4.95 -18.49
C TRP B 442 0.38 -4.25 -19.84
N PRO B 443 0.64 -2.94 -19.91
CA PRO B 443 0.41 -2.21 -21.15
C PRO B 443 1.30 -2.71 -22.28
N LEU B 444 0.90 -2.37 -23.51
CA LEU B 444 1.58 -2.88 -24.69
C LEU B 444 3.00 -2.34 -24.80
N TRP B 445 3.26 -1.13 -24.29
CA TRP B 445 4.57 -0.53 -24.44
C TRP B 445 5.63 -1.19 -23.57
N MET B 446 5.24 -2.02 -22.60
CA MET B 446 6.21 -2.77 -21.83
C MET B 446 6.78 -3.96 -22.58
N GLY B 447 6.21 -4.33 -23.72
CA GLY B 447 6.64 -5.49 -24.49
C GLY B 447 6.58 -6.82 -23.76
N VAL B 448 7.74 -7.45 -23.59
CA VAL B 448 7.83 -8.68 -22.81
C VAL B 448 8.48 -8.35 -21.48
N PRO B 449 7.70 -8.11 -20.43
CA PRO B 449 8.28 -7.62 -19.17
C PRO B 449 9.04 -8.71 -18.42
N HIS B 450 9.74 -8.26 -17.38
CA HIS B 450 10.52 -9.15 -16.55
C HIS B 450 9.62 -10.12 -15.80
N GLY B 451 9.93 -11.41 -15.93
CA GLY B 451 9.23 -12.45 -15.19
C GLY B 451 8.11 -13.15 -15.93
N TYR B 452 7.82 -12.76 -17.17
CA TYR B 452 6.70 -13.33 -17.89
C TYR B 452 7.12 -14.37 -18.92
N GLU B 453 8.26 -15.02 -18.70
CA GLU B 453 8.57 -16.28 -19.32
C GLU B 453 8.22 -17.46 -18.42
N ILE B 454 7.92 -17.19 -17.15
CA ILE B 454 7.69 -18.26 -16.18
C ILE B 454 6.40 -19.00 -16.49
N GLU B 455 5.39 -18.30 -16.99
CA GLU B 455 4.14 -18.95 -17.38
C GLU B 455 4.38 -20.10 -18.33
N PHE B 456 5.28 -19.90 -19.30
CA PHE B 456 5.46 -20.89 -20.36
C PHE B 456 6.43 -21.99 -19.96
N ILE B 457 7.37 -21.70 -19.05
CA ILE B 457 8.26 -22.74 -18.56
C ILE B 457 7.50 -23.75 -17.72
N PHE B 458 6.49 -23.28 -16.96
CA PHE B 458 5.68 -24.15 -16.13
C PHE B 458 4.42 -24.65 -16.82
N GLY B 459 4.28 -24.41 -18.12
CA GLY B 459 3.16 -24.95 -18.87
C GLY B 459 1.79 -24.45 -18.45
N ILE B 460 1.71 -23.28 -17.84
CA ILE B 460 0.45 -22.68 -17.40
C ILE B 460 -0.55 -22.52 -18.55
N PRO B 461 -0.12 -22.22 -19.81
CA PRO B 461 -1.09 -22.18 -20.92
C PRO B 461 -1.93 -23.44 -21.08
N LEU B 462 -1.44 -24.57 -20.58
CA LEU B 462 -2.18 -25.81 -20.67
C LEU B 462 -3.40 -25.85 -19.75
N ASP B 463 -3.50 -24.93 -18.79
CA ASP B 463 -4.64 -24.88 -17.89
C ASP B 463 -5.90 -24.57 -18.68
N PRO B 464 -6.89 -25.48 -18.72
CA PRO B 464 -8.08 -25.23 -19.55
C PRO B 464 -8.93 -24.08 -19.05
N SER B 465 -8.74 -23.61 -17.82
CA SER B 465 -9.50 -22.48 -17.30
C SER B 465 -8.92 -21.14 -17.69
N ARG B 466 -7.84 -21.12 -18.48
CA ARG B 466 -7.19 -19.89 -18.91
C ARG B 466 -7.32 -19.76 -20.42
N ASN B 467 -7.35 -18.51 -20.89
CA ASN B 467 -7.68 -18.21 -22.29
C ASN B 467 -6.40 -17.97 -23.11
N TYR B 468 -5.55 -18.99 -23.13
CA TYR B 468 -4.37 -18.97 -23.99
C TYR B 468 -4.74 -19.50 -25.37
N THR B 469 -3.94 -19.09 -26.37
CA THR B 469 -4.19 -19.53 -27.73
C THR B 469 -3.63 -20.93 -27.96
N ALA B 470 -4.09 -21.55 -29.05
CA ALA B 470 -3.58 -22.88 -29.39
C ALA B 470 -2.10 -22.84 -29.74
N GLU B 471 -1.64 -21.75 -30.32
CA GLU B 471 -0.22 -21.62 -30.63
C GLU B 471 0.62 -21.48 -29.37
N GLU B 472 0.09 -20.82 -28.35
CA GLU B 472 0.82 -20.70 -27.09
C GLU B 472 0.90 -22.02 -26.35
N LYS B 473 -0.08 -22.91 -26.57
CA LYS B 473 -0.03 -24.23 -25.96
C LYS B 473 1.09 -25.07 -26.57
N ILE B 474 1.20 -25.07 -27.89
CA ILE B 474 2.30 -25.76 -28.55
C ILE B 474 3.63 -25.13 -28.18
N PHE B 475 3.64 -23.80 -28.03
CA PHE B 475 4.87 -23.10 -27.66
C PHE B 475 5.31 -23.45 -26.25
N ALA B 476 4.37 -23.50 -25.30
CA ALA B 476 4.71 -23.84 -23.93
C ALA B 476 5.22 -25.27 -23.84
N GLN B 477 4.62 -26.19 -24.61
CA GLN B 477 5.10 -27.57 -24.61
C GLN B 477 6.50 -27.67 -25.19
N ARG B 478 6.82 -26.82 -26.17
CA ARG B 478 8.17 -26.84 -26.75
C ARG B 478 9.19 -26.33 -25.73
N LEU B 479 8.83 -25.30 -24.97
CA LEU B 479 9.75 -24.76 -23.97
C LEU B 479 9.98 -25.76 -22.83
N MET B 480 8.92 -26.43 -22.38
CA MET B 480 9.07 -27.42 -21.32
C MET B 480 10.01 -28.54 -21.75
N ARG B 481 9.99 -28.90 -23.04
CA ARG B 481 10.92 -29.91 -23.54
C ARG B 481 12.35 -29.40 -23.50
N TYR B 482 12.56 -28.13 -23.85
CA TYR B 482 13.89 -27.55 -23.76
C TYR B 482 14.43 -27.64 -22.33
N TRP B 483 13.65 -27.16 -21.36
CA TRP B 483 14.09 -27.15 -19.97
C TRP B 483 14.27 -28.56 -19.43
N ALA B 484 13.38 -29.48 -19.81
CA ALA B 484 13.50 -30.85 -19.33
C ALA B 484 14.69 -31.57 -19.96
N ASN B 485 14.91 -31.37 -21.26
CA ASN B 485 16.06 -31.98 -21.91
C ASN B 485 17.36 -31.51 -21.27
N PHE B 486 17.45 -30.22 -20.93
CA PHE B 486 18.62 -29.72 -20.24
C PHE B 486 18.77 -30.37 -18.87
N ALA B 487 17.65 -30.59 -18.17
CA ALA B 487 17.72 -31.25 -16.88
C ALA B 487 18.16 -32.71 -17.01
N ARG B 488 17.78 -33.37 -18.10
CA ARG B 488 18.13 -34.78 -18.28
C ARG B 488 19.54 -34.94 -18.83
N THR B 489 19.85 -34.27 -19.95
CA THR B 489 21.08 -34.50 -20.68
C THR B 489 22.07 -33.35 -20.59
N GLY B 490 21.70 -32.21 -20.00
CA GLY B 490 22.58 -31.06 -20.01
C GLY B 490 22.63 -30.35 -21.35
N ASP B 491 21.67 -30.62 -22.23
CA ASP B 491 21.62 -30.07 -23.57
C ASP B 491 20.16 -29.86 -23.97
N PRO B 492 19.74 -28.62 -24.23
CA PRO B 492 18.33 -28.38 -24.55
C PRO B 492 17.87 -29.01 -25.86
N ASN B 493 18.79 -29.47 -26.71
CA ASN B 493 18.41 -30.07 -27.98
C ASN B 493 17.92 -31.49 -27.78
N GLU B 494 16.91 -31.88 -28.56
CA GLU B 494 16.38 -33.23 -28.47
C GLU B 494 17.45 -34.23 -28.90
N PRO B 495 17.63 -35.33 -28.16
CA PRO B 495 18.80 -36.19 -28.40
C PRO B 495 18.81 -36.88 -29.76
N ARG B 496 17.64 -37.22 -30.31
CA ARG B 496 17.57 -38.00 -31.54
C ARG B 496 16.76 -37.30 -32.64
N ASP B 497 16.59 -35.98 -32.54
CA ASP B 497 15.74 -35.24 -33.48
C ASP B 497 16.53 -34.17 -34.22
N PRO B 498 17.05 -34.47 -35.41
CA PRO B 498 17.63 -33.41 -36.25
C PRO B 498 16.61 -32.59 -37.02
N LYS B 499 15.32 -32.90 -36.88
CA LYS B 499 14.29 -32.15 -37.62
C LYS B 499 14.20 -30.72 -37.11
N ALA B 500 14.04 -30.54 -35.81
CA ALA B 500 13.93 -29.21 -35.24
C ALA B 500 15.26 -28.46 -35.36
N PRO B 501 15.22 -27.14 -35.53
CA PRO B 501 16.46 -26.36 -35.57
C PRO B 501 17.27 -26.53 -34.29
N GLN B 502 18.59 -26.43 -34.43
CA GLN B 502 19.50 -26.72 -33.34
C GLN B 502 19.85 -25.47 -32.56
N TRP B 503 20.09 -25.68 -31.25
CA TRP B 503 20.46 -24.63 -30.30
C TRP B 503 21.95 -24.72 -30.04
N PRO B 504 22.77 -23.88 -30.67
CA PRO B 504 24.22 -23.96 -30.47
C PRO B 504 24.62 -23.44 -29.12
N PRO B 505 25.68 -23.98 -28.53
CA PRO B 505 26.16 -23.47 -27.24
C PRO B 505 26.63 -22.03 -27.37
N TYR B 506 26.69 -21.35 -26.22
CA TYR B 506 27.16 -19.98 -26.12
C TYR B 506 28.62 -20.00 -25.71
N THR B 507 29.49 -19.49 -26.57
CA THR B 507 30.91 -19.36 -26.27
C THR B 507 31.29 -17.89 -26.20
N ALA B 508 32.37 -17.61 -25.46
CA ALA B 508 32.77 -16.22 -25.22
C ALA B 508 33.13 -15.50 -26.51
N GLY B 509 33.53 -16.24 -27.54
CA GLY B 509 33.89 -15.65 -28.81
C GLY B 509 32.71 -15.38 -29.71
N ALA B 510 32.02 -16.44 -30.14
CA ALA B 510 30.90 -16.27 -31.06
C ALA B 510 29.71 -15.62 -30.36
N GLN B 511 29.45 -16.00 -29.11
CA GLN B 511 28.35 -15.43 -28.31
C GLN B 511 27.01 -15.67 -28.98
N GLN B 512 26.70 -16.94 -29.21
CA GLN B 512 25.48 -17.34 -29.90
C GLN B 512 24.36 -17.62 -28.91
N TYR B 513 23.15 -17.19 -29.27
CA TYR B 513 21.96 -17.48 -28.50
C TYR B 513 20.81 -17.70 -29.47
N VAL B 514 19.67 -18.13 -28.93
CA VAL B 514 18.47 -18.35 -29.74
C VAL B 514 17.35 -17.48 -29.20
N SER B 515 16.42 -17.14 -30.08
CA SER B 515 15.24 -16.38 -29.71
C SER B 515 14.07 -17.34 -29.48
N LEU B 516 13.39 -17.18 -28.35
CA LEU B 516 12.27 -18.04 -27.98
C LEU B 516 10.97 -17.30 -28.22
N ASP B 517 10.25 -17.72 -29.25
CA ASP B 517 8.93 -17.17 -29.57
C ASP B 517 8.16 -18.22 -30.37
N LEU B 518 7.03 -17.81 -30.93
CA LEU B 518 6.20 -18.76 -31.68
C LEU B 518 6.88 -19.26 -32.94
N ARG B 519 7.85 -18.52 -33.47
CA ARG B 519 8.60 -18.98 -34.63
C ARG B 519 9.61 -20.05 -34.22
N PRO B 520 10.06 -20.87 -35.17
CA PRO B 520 11.15 -21.80 -34.87
C PRO B 520 12.41 -21.08 -34.42
N LEU B 521 13.33 -21.85 -33.85
CA LEU B 521 14.55 -21.25 -33.30
C LEU B 521 15.33 -20.50 -34.36
N GLU B 522 15.93 -19.38 -33.95
CA GLU B 522 16.77 -18.57 -34.81
C GLU B 522 18.00 -18.17 -34.01
N VAL B 523 19.18 -18.48 -34.54
CA VAL B 523 20.43 -18.19 -33.84
C VAL B 523 20.81 -16.74 -34.08
N ARG B 524 21.35 -16.08 -33.06
CA ARG B 524 21.81 -14.71 -33.15
C ARG B 524 23.12 -14.57 -32.41
N ARG B 525 23.75 -13.41 -32.55
CA ARG B 525 25.09 -13.15 -32.01
C ARG B 525 25.03 -11.94 -31.09
N GLY B 526 25.53 -12.12 -29.87
CA GLY B 526 25.71 -11.01 -28.95
C GLY B 526 24.52 -10.71 -28.06
N LEU B 527 24.69 -10.92 -26.75
CA LEU B 527 23.69 -10.52 -25.75
C LEU B 527 23.90 -9.04 -25.46
N ARG B 528 23.36 -8.20 -26.34
CA ARG B 528 23.54 -6.76 -26.25
C ARG B 528 25.03 -6.41 -26.19
N ALA B 529 25.77 -6.96 -27.15
CA ALA B 529 27.23 -6.93 -27.08
C ALA B 529 27.77 -5.52 -27.03
N GLN B 530 27.19 -4.61 -27.81
CA GLN B 530 27.66 -3.22 -27.83
C GLN B 530 27.35 -2.53 -26.51
N ALA B 531 26.11 -2.62 -26.05
CA ALA B 531 25.71 -1.91 -24.83
C ALA B 531 26.42 -2.49 -23.61
N CYS B 532 26.59 -3.81 -23.56
CA CYS B 532 27.18 -4.42 -22.37
C CYS B 532 28.67 -4.17 -22.27
N ALA B 533 29.35 -3.87 -23.39
CA ALA B 533 30.73 -3.43 -23.31
C ALA B 533 30.84 -2.09 -22.59
N PHE B 534 29.79 -1.26 -22.66
CA PHE B 534 29.80 0.01 -21.95
C PHE B 534 29.72 -0.20 -20.44
N TRP B 535 28.86 -1.13 -20.00
CA TRP B 535 28.71 -1.36 -18.57
C TRP B 535 29.84 -2.22 -18.02
N ASN B 536 30.24 -3.27 -18.73
CA ASN B 536 31.20 -4.22 -18.19
C ASN B 536 32.63 -3.76 -18.35
N ARG B 537 32.95 -3.02 -19.41
CA ARG B 537 34.34 -2.67 -19.73
C ARG B 537 34.67 -1.21 -19.47
N PHE B 538 33.89 -0.27 -20.02
CA PHE B 538 34.27 1.14 -19.91
C PHE B 538 33.90 1.73 -18.55
N LEU B 539 32.65 1.57 -18.14
CA LEU B 539 32.17 2.24 -16.93
C LEU B 539 33.03 1.98 -15.69
N PRO B 540 33.53 0.77 -15.43
CA PRO B 540 34.45 0.61 -14.29
C PRO B 540 35.73 1.42 -14.44
N LYS B 541 36.27 1.52 -15.66
CA LYS B 541 37.45 2.35 -15.88
C LYS B 541 37.16 3.80 -15.56
N LEU B 542 35.95 4.27 -15.86
CA LEU B 542 35.59 5.65 -15.58
C LEU B 542 35.30 5.86 -14.10
N LEU B 543 34.62 4.90 -13.46
CA LEU B 543 34.27 5.05 -12.05
C LEU B 543 35.50 4.99 -11.15
N SER B 544 36.56 4.30 -11.58
CA SER B 544 37.79 4.21 -10.80
C SER B 544 38.69 5.41 -10.99
N ALA B 545 38.33 6.35 -11.86
CA ALA B 545 39.11 7.56 -12.09
C ALA B 545 38.47 8.68 -11.27
N THR B 546 38.90 8.81 -10.03
CA THR B 546 38.38 9.82 -9.13
C THR B 546 39.46 10.33 -8.17
#